data_6M4V
#
_entry.id   6M4V
#
_cell.length_a   107.026
_cell.length_b   48.144
_cell.length_c   108.730
_cell.angle_alpha   90.00
_cell.angle_beta   106.52
_cell.angle_gamma   90.00
#
_symmetry.space_group_name_H-M   'P 1 21 1'
#
loop_
_entity.id
_entity.type
_entity.pdbx_description
1 polymer 'chimera of Maltose/maltodextrin-binding periplasmic protein and Peptidyl-prolyl cis-trans isomerase FKBP1A'
2 polymer 'Peptidyl-prolyl cis-trans isomerase FKBP1A'
3 non-polymer 'RAPAMYCIN IMMUNOSUPPRESSANT DRUG'
4 non-polymer GLYCEROL
5 water water
#
loop_
_entity_poly.entity_id
_entity_poly.type
_entity_poly.pdbx_seq_one_letter_code
_entity_poly.pdbx_strand_id
1 'polypeptide(L)'
;GSMKIEEGKLVIWINGDKGYNGLAEVGKKFEKDTGIKVTVEHPDKLEEKFPQVAATGDGPDIIFWAHDRFGGYAQSGLLA
EITPAAAFQDKLYPFTWDAVRYNGKLIAYPIAVEALSLIYNKDLLPNPPKTWEEIPALDKELKAKGKSALMFNLQEPYFT
WPLIAADGGYAFKYAAGKYDIKDVGVDNAGAKAGLTFLVDLIKNKHMNADTDYSIAEAAFNKGETAMTINGPWAWSNIDT
SAVNYGVTVLPTFKGQPSKPFVGVLSAGINAASPNKELAKEFLENYLLTDEGLEAVNKDKPLGAVALKSYEEELAKDPRI
AATMENAQKGEIMPNIPQMSAFWYAVRTAVINAASGRQTVDEALKDAQTNAAAMGVQVETISPGDGRTFPKRGQTCVVHY
TGMLE
;
A,C
2 'polypeptide(L)' DGKKFDSSRDRNKPFKFMLGKQEVIRGWEEGVAQMSVGQRAKLTISPDYAYGATGHPGIIPPHATLVFDVELLKLE B,D
#
loop_
_chem_comp.id
_chem_comp.type
_chem_comp.name
_chem_comp.formula
GOL non-polymer GLYCEROL 'C3 H8 O3'
RAP non-polymer 'RAPAMYCIN IMMUNOSUPPRESSANT DRUG' 'C51 H79 N O13'
#
# COMPACT_ATOMS: atom_id res chain seq x y z
N GLU A 6 -12.28 -6.98 -6.52
CA GLU A 6 -11.84 -7.84 -5.37
C GLU A 6 -12.63 -9.15 -5.35
N GLU A 7 -12.41 -10.05 -6.33
CA GLU A 7 -12.98 -11.43 -6.39
C GLU A 7 -12.22 -12.22 -7.48
N GLY A 8 -12.66 -13.45 -7.80
CA GLY A 8 -12.07 -14.37 -8.81
C GLY A 8 -12.63 -14.20 -10.22
N LYS A 9 -13.86 -13.69 -10.37
CA LYS A 9 -14.45 -13.20 -11.66
C LYS A 9 -14.13 -11.71 -11.78
N LEU A 10 -14.33 -11.10 -12.95
CA LEU A 10 -14.04 -9.64 -13.14
C LEU A 10 -15.35 -8.85 -13.27
N VAL A 11 -15.44 -7.70 -12.58
CA VAL A 11 -16.61 -6.78 -12.60
C VAL A 11 -16.22 -5.53 -13.40
N ILE A 12 -17.12 -5.07 -14.29
CA ILE A 12 -16.94 -3.92 -15.20
C ILE A 12 -17.93 -2.82 -14.81
N TRP A 13 -17.46 -1.56 -14.80
CA TRP A 13 -18.32 -0.37 -14.59
C TRP A 13 -18.35 0.46 -15.89
N ILE A 14 -19.56 0.77 -16.39
CA ILE A 14 -19.80 1.60 -17.60
C ILE A 14 -21.07 2.43 -17.43
N ASN A 15 -21.10 3.64 -18.01
CA ASN A 15 -22.20 4.63 -17.85
C ASN A 15 -23.50 4.14 -18.50
N GLY A 16 -24.64 4.56 -17.96
CA GLY A 16 -26.00 4.14 -18.38
C GLY A 16 -26.37 4.53 -19.82
N ASP A 17 -25.81 5.62 -20.36
CA ASP A 17 -26.04 6.06 -21.77
C ASP A 17 -25.19 5.23 -22.75
N LYS A 18 -24.39 4.27 -22.29
CA LYS A 18 -23.35 3.63 -23.16
C LYS A 18 -23.83 2.30 -23.73
N GLY A 19 -24.97 1.76 -23.30
CA GLY A 19 -25.48 0.49 -23.84
C GLY A 19 -24.67 -0.69 -23.34
N TYR A 20 -24.81 -0.94 -22.04
CA TYR A 20 -24.16 -2.00 -21.21
C TYR A 20 -24.55 -3.40 -21.71
N ASN A 21 -25.71 -3.56 -22.37
CA ASN A 21 -26.24 -4.87 -22.83
C ASN A 21 -25.41 -5.40 -24.01
N GLY A 22 -24.99 -4.51 -24.90
CA GLY A 22 -24.02 -4.84 -25.96
C GLY A 22 -22.74 -5.36 -25.35
N LEU A 23 -22.20 -4.67 -24.35
CA LEU A 23 -20.97 -5.09 -23.62
C LEU A 23 -21.22 -6.45 -22.98
N ALA A 24 -22.40 -6.67 -22.41
CA ALA A 24 -22.77 -7.90 -21.66
C ALA A 24 -22.62 -9.13 -22.57
N GLU A 25 -23.02 -9.00 -23.84
CA GLU A 25 -23.00 -10.11 -24.82
C GLU A 25 -21.55 -10.48 -25.16
N VAL A 26 -20.62 -9.52 -25.09
CA VAL A 26 -19.15 -9.76 -25.24
C VAL A 26 -18.69 -10.58 -24.03
N GLY A 27 -19.10 -10.19 -22.82
CA GLY A 27 -18.79 -10.88 -21.54
C GLY A 27 -19.29 -12.30 -21.53
N LYS A 28 -20.46 -12.55 -22.12
CA LYS A 28 -21.11 -13.89 -22.19
C LYS A 28 -20.31 -14.79 -23.16
N LYS A 29 -19.75 -14.20 -24.23
CA LYS A 29 -18.89 -14.90 -25.22
C LYS A 29 -17.58 -15.29 -24.54
N PHE A 30 -17.03 -14.39 -23.71
CA PHE A 30 -15.85 -14.64 -22.84
C PHE A 30 -16.15 -15.83 -21.93
N GLU A 31 -17.38 -15.89 -21.39
CA GLU A 31 -17.84 -16.97 -20.46
C GLU A 31 -17.92 -18.30 -21.21
N LYS A 32 -18.50 -18.34 -22.42
CA LYS A 32 -18.58 -19.58 -23.25
C LYS A 32 -17.17 -20.11 -23.58
N ASP A 33 -16.20 -19.22 -23.79
CA ASP A 33 -14.83 -19.56 -24.25
C ASP A 33 -13.92 -19.85 -23.04
N THR A 34 -14.08 -19.12 -21.93
CA THR A 34 -13.16 -19.21 -20.75
C THR A 34 -13.83 -19.81 -19.52
N GLY A 35 -15.14 -19.59 -19.33
CA GLY A 35 -15.90 -20.05 -18.14
C GLY A 35 -16.14 -18.92 -17.15
N ILE A 36 -15.25 -17.92 -17.14
CA ILE A 36 -15.32 -16.72 -16.24
C ILE A 36 -16.61 -15.97 -16.55
N LYS A 37 -17.39 -15.68 -15.50
CA LYS A 37 -18.59 -14.81 -15.53
C LYS A 37 -18.15 -13.35 -15.37
N VAL A 38 -18.58 -12.49 -16.29
CA VAL A 38 -18.40 -11.01 -16.22
C VAL A 38 -19.77 -10.37 -16.02
N THR A 39 -19.91 -9.51 -15.02
CA THR A 39 -21.11 -8.65 -14.81
C THR A 39 -20.71 -7.18 -14.98
N VAL A 40 -21.47 -6.48 -15.82
CA VAL A 40 -21.30 -5.05 -16.16
C VAL A 40 -22.35 -4.26 -15.38
N GLU A 41 -21.92 -3.26 -14.63
CA GLU A 41 -22.82 -2.42 -13.80
C GLU A 41 -22.79 -1.00 -14.37
N HIS A 42 -23.79 -0.19 -14.02
CA HIS A 42 -23.91 1.24 -14.39
C HIS A 42 -24.38 2.04 -13.17
N PRO A 43 -23.49 2.19 -12.15
CA PRO A 43 -23.78 3.00 -10.96
C PRO A 43 -24.14 4.45 -11.26
N ASP A 44 -25.03 5.06 -10.47
CA ASP A 44 -25.60 6.40 -10.71
C ASP A 44 -24.42 7.36 -10.94
N LYS A 45 -23.51 7.50 -9.98
CA LYS A 45 -22.37 8.46 -10.10
C LYS A 45 -21.03 7.70 -10.02
N LEU A 46 -20.83 6.71 -10.90
CA LEU A 46 -19.65 5.81 -10.85
C LEU A 46 -18.33 6.61 -11.00
N GLU A 47 -18.32 7.68 -11.80
CA GLU A 47 -17.11 8.51 -12.06
C GLU A 47 -16.52 9.04 -10.73
N GLU A 48 -17.39 9.49 -9.81
CA GLU A 48 -17.04 10.06 -8.47
C GLU A 48 -16.84 8.94 -7.46
N LYS A 49 -17.48 7.79 -7.72
CA LYS A 49 -17.62 6.62 -6.80
C LYS A 49 -16.38 5.73 -6.85
N PHE A 50 -15.82 5.56 -8.04
CA PHE A 50 -14.64 4.69 -8.30
C PHE A 50 -13.43 5.17 -7.49
N PRO A 51 -13.14 6.49 -7.41
CA PRO A 51 -12.02 6.98 -6.60
C PRO A 51 -12.19 6.71 -5.10
N GLN A 52 -13.41 6.92 -4.59
CA GLN A 52 -13.75 6.74 -3.15
C GLN A 52 -13.50 5.28 -2.79
N VAL A 53 -13.93 4.33 -3.63
CA VAL A 53 -13.85 2.86 -3.35
C VAL A 53 -12.43 2.34 -3.66
N ALA A 54 -11.77 2.85 -4.71
CA ALA A 54 -10.41 2.42 -5.13
C ALA A 54 -9.39 2.68 -4.01
N ALA A 55 -9.58 3.79 -3.25
CA ALA A 55 -8.68 4.22 -2.14
C ALA A 55 -8.69 3.19 -1.01
N THR A 56 -9.81 2.46 -0.83
CA THR A 56 -10.01 1.38 0.17
C THR A 56 -9.35 0.08 -0.32
N GLY A 57 -9.08 -0.01 -1.62
CA GLY A 57 -8.50 -1.20 -2.28
C GLY A 57 -9.59 -2.14 -2.80
N ASP A 58 -10.85 -1.68 -2.81
CA ASP A 58 -12.00 -2.42 -3.40
C ASP A 58 -12.71 -1.50 -4.43
N GLY A 59 -12.73 -1.96 -5.68
CA GLY A 59 -13.45 -1.33 -6.79
C GLY A 59 -13.57 -2.33 -7.93
N PRO A 60 -14.24 -1.97 -9.04
CA PRO A 60 -14.37 -2.90 -10.18
C PRO A 60 -12.98 -3.21 -10.75
N ASP A 61 -12.88 -4.27 -11.55
CA ASP A 61 -11.63 -4.67 -12.25
C ASP A 61 -11.38 -3.69 -13.41
N ILE A 62 -12.41 -3.41 -14.21
CA ILE A 62 -12.38 -2.52 -15.40
C ILE A 62 -13.43 -1.42 -15.25
N ILE A 63 -13.09 -0.18 -15.68
CA ILE A 63 -13.99 1.02 -15.64
C ILE A 63 -13.90 1.71 -16.99
N PHE A 64 -15.04 2.16 -17.52
CA PHE A 64 -15.16 2.86 -18.83
C PHE A 64 -15.64 4.29 -18.63
N TRP A 65 -14.78 5.25 -18.94
CA TRP A 65 -15.11 6.69 -18.87
C TRP A 65 -14.40 7.45 -19.99
N ALA A 66 -14.54 8.78 -19.98
CA ALA A 66 -13.67 9.70 -20.74
C ALA A 66 -12.23 9.54 -20.25
N HIS A 67 -11.26 9.69 -21.14
CA HIS A 67 -9.80 9.63 -20.83
C HIS A 67 -9.41 10.74 -19.84
N ASP A 68 -10.19 11.82 -19.77
CA ASP A 68 -9.83 13.05 -19.02
C ASP A 68 -9.90 12.76 -17.51
N ARG A 69 -10.99 12.15 -17.03
CA ARG A 69 -11.14 11.76 -15.61
C ARG A 69 -9.98 10.84 -15.21
N PHE A 70 -9.51 10.00 -16.14
CA PHE A 70 -8.55 8.91 -15.91
C PHE A 70 -7.19 9.49 -15.45
N GLY A 71 -6.80 10.66 -15.94
CA GLY A 71 -5.55 11.33 -15.54
C GLY A 71 -5.47 11.54 -14.04
N GLY A 72 -6.59 11.88 -13.39
CA GLY A 72 -6.73 12.03 -11.93
C GLY A 72 -6.62 10.68 -11.21
N TYR A 73 -7.18 9.61 -11.79
CA TYR A 73 -7.11 8.23 -11.26
C TYR A 73 -5.65 7.78 -11.18
N ALA A 74 -4.83 8.15 -12.17
CA ALA A 74 -3.38 7.84 -12.26
C ALA A 74 -2.59 8.57 -11.16
N GLN A 75 -2.87 9.85 -10.88
CA GLN A 75 -2.36 10.55 -9.67
C GLN A 75 -3.22 10.14 -8.46
N ALA A 80 -4.10 4.99 -8.47
CA ALA A 80 -5.33 4.17 -8.29
C ALA A 80 -5.69 3.37 -9.57
N GLU A 81 -4.73 3.08 -10.46
CA GLU A 81 -4.99 2.39 -11.78
C GLU A 81 -3.73 1.78 -12.41
N ILE A 82 -3.87 0.60 -13.01
CA ILE A 82 -2.78 -0.34 -13.41
C ILE A 82 -2.32 -0.04 -14.84
N THR A 83 -1.01 -0.11 -15.07
CA THR A 83 -0.40 -0.07 -16.43
C THR A 83 -0.88 -1.31 -17.19
N PRO A 84 -1.42 -1.14 -18.42
CA PRO A 84 -1.62 -2.24 -19.35
C PRO A 84 -0.38 -2.44 -20.23
N ALA A 85 -0.07 -3.70 -20.56
CA ALA A 85 1.06 -4.10 -21.44
C ALA A 85 0.50 -4.54 -22.80
N ALA A 86 0.72 -3.72 -23.83
CA ALA A 86 0.37 -3.97 -25.24
C ALA A 86 1.66 -4.03 -26.08
N ALA A 87 1.72 -4.85 -27.14
CA ALA A 87 2.92 -5.01 -28.01
C ALA A 87 2.51 -4.85 -29.49
N PHE A 88 1.82 -5.83 -30.07
CA PHE A 88 1.31 -5.79 -31.46
C PHE A 88 -0.10 -5.22 -31.46
N GLN A 89 -0.46 -4.37 -30.48
CA GLN A 89 -1.75 -3.63 -30.43
C GLN A 89 -1.58 -2.29 -31.17
N ASP A 90 -1.33 -2.37 -32.48
CA ASP A 90 -1.34 -1.25 -33.45
C ASP A 90 -2.65 -1.27 -34.21
N LYS A 91 -3.62 -2.08 -33.77
CA LYS A 91 -4.97 -2.14 -34.38
C LYS A 91 -5.67 -0.80 -34.12
N LEU A 92 -5.28 -0.11 -33.04
CA LEU A 92 -5.80 1.22 -32.64
C LEU A 92 -4.90 2.34 -33.17
N TYR A 93 -5.48 3.52 -33.41
CA TYR A 93 -4.80 4.74 -33.94
C TYR A 93 -3.80 5.26 -32.91
N PRO A 94 -2.68 5.87 -33.35
CA PRO A 94 -1.69 6.40 -32.43
C PRO A 94 -2.25 7.52 -31.52
N PHE A 95 -3.14 8.38 -32.05
CA PHE A 95 -3.68 9.56 -31.33
C PHE A 95 -4.61 9.13 -30.18
N THR A 96 -5.29 7.99 -30.34
CA THR A 96 -6.15 7.40 -29.28
C THR A 96 -5.28 6.87 -28.13
N TRP A 97 -4.16 6.25 -28.44
CA TRP A 97 -3.18 5.77 -27.43
C TRP A 97 -2.67 6.95 -26.61
N ASP A 98 -2.48 8.11 -27.23
CA ASP A 98 -1.93 9.31 -26.55
C ASP A 98 -2.89 9.73 -25.44
N ALA A 99 -4.20 9.63 -25.67
CA ALA A 99 -5.26 9.98 -24.68
C ALA A 99 -5.02 9.25 -23.35
N VAL A 100 -4.59 7.99 -23.42
CA VAL A 100 -4.53 7.08 -22.24
C VAL A 100 -3.10 7.02 -21.72
N ARG A 101 -2.23 7.98 -22.07
CA ARG A 101 -0.81 8.00 -21.63
C ARG A 101 -0.62 9.07 -20.55
N TYR A 102 -0.11 8.66 -19.39
CA TYR A 102 0.18 9.54 -18.22
C TYR A 102 1.61 9.29 -17.72
N ASN A 103 2.48 10.29 -17.87
CA ASN A 103 3.93 10.23 -17.54
C ASN A 103 4.59 9.08 -18.32
N GLY A 104 4.26 8.94 -19.61
CA GLY A 104 4.88 7.95 -20.53
C GLY A 104 4.36 6.54 -20.30
N LYS A 105 3.44 6.36 -19.33
CA LYS A 105 2.77 5.08 -18.97
C LYS A 105 1.35 5.08 -19.53
N LEU A 106 0.88 3.93 -20.04
CA LEU A 106 -0.50 3.78 -20.55
C LEU A 106 -1.37 3.40 -19.36
N ILE A 107 -2.48 4.10 -19.17
CA ILE A 107 -3.44 3.96 -18.03
C ILE A 107 -4.58 3.01 -18.41
N ALA A 108 -4.95 2.97 -19.70
CA ALA A 108 -6.18 2.27 -20.19
C ALA A 108 -6.07 1.88 -21.65
N TYR A 109 -7.13 1.25 -22.17
CA TYR A 109 -7.32 0.83 -23.59
C TYR A 109 -8.36 1.73 -24.25
N PRO A 110 -7.98 2.61 -25.20
CA PRO A 110 -8.94 3.53 -25.79
C PRO A 110 -9.93 2.69 -26.62
N ILE A 111 -11.17 3.18 -26.71
CA ILE A 111 -12.34 2.46 -27.30
C ILE A 111 -12.97 3.34 -28.37
N ALA A 112 -13.47 4.51 -27.98
CA ALA A 112 -14.28 5.40 -28.84
C ALA A 112 -13.77 6.84 -28.77
N VAL A 113 -13.80 7.53 -29.90
CA VAL A 113 -13.52 8.99 -30.03
C VAL A 113 -14.87 9.71 -30.02
N GLU A 114 -15.13 10.49 -28.95
CA GLU A 114 -16.45 11.13 -28.66
C GLU A 114 -16.33 12.65 -28.87
N ALA A 115 -16.20 13.08 -30.12
CA ALA A 115 -16.10 14.51 -30.53
C ALA A 115 -17.50 15.10 -30.74
N LEU A 116 -17.69 16.37 -30.34
CA LEU A 116 -18.90 17.15 -30.72
C LEU A 116 -19.00 17.24 -32.25
N SER A 117 -20.20 17.50 -32.76
CA SER A 117 -20.49 17.71 -34.20
C SER A 117 -21.62 18.73 -34.34
N LEU A 118 -21.95 19.16 -35.56
CA LEU A 118 -23.22 19.90 -35.84
C LEU A 118 -24.24 18.90 -36.36
N ILE A 119 -25.31 18.67 -35.58
CA ILE A 119 -26.49 17.83 -35.92
C ILE A 119 -27.60 18.76 -36.41
N TYR A 120 -28.42 18.33 -37.39
CA TYR A 120 -29.45 19.21 -38.03
C TYR A 120 -30.64 18.41 -38.58
N ASN A 121 -31.85 18.94 -38.34
CA ASN A 121 -33.13 18.44 -38.90
C ASN A 121 -33.12 18.73 -40.41
N LYS A 122 -33.14 17.67 -41.23
CA LYS A 122 -33.03 17.76 -42.72
C LYS A 122 -34.32 18.33 -43.33
N ASP A 123 -35.47 18.10 -42.67
CA ASP A 123 -36.81 18.56 -43.11
C ASP A 123 -36.97 20.05 -42.82
N LEU A 124 -36.32 20.57 -41.77
CA LEU A 124 -36.28 22.02 -41.43
C LEU A 124 -35.19 22.73 -42.22
N LEU A 125 -34.10 22.03 -42.58
CA LEU A 125 -32.93 22.62 -43.27
C LEU A 125 -32.25 21.57 -44.15
N PRO A 126 -32.51 21.57 -45.48
CA PRO A 126 -31.96 20.55 -46.37
C PRO A 126 -30.43 20.57 -46.36
N ASN A 127 -29.82 21.76 -46.26
CA ASN A 127 -28.35 21.94 -46.31
C ASN A 127 -27.91 22.84 -45.15
N PRO A 128 -27.15 22.30 -44.16
CA PRO A 128 -26.74 23.07 -42.98
C PRO A 128 -25.74 24.15 -43.35
N PRO A 129 -25.66 25.28 -42.59
CA PRO A 129 -24.68 26.33 -42.90
C PRO A 129 -23.25 25.89 -42.55
N LYS A 130 -22.28 26.19 -43.41
CA LYS A 130 -20.87 25.74 -43.22
C LYS A 130 -20.12 26.78 -42.36
N THR A 131 -20.70 27.96 -42.10
CA THR A 131 -20.07 29.02 -41.27
C THR A 131 -20.99 29.48 -40.13
N TRP A 132 -20.38 30.09 -39.12
CA TRP A 132 -21.07 30.64 -37.92
C TRP A 132 -21.83 31.90 -38.33
N GLU A 133 -21.27 32.66 -39.26
CA GLU A 133 -21.75 33.99 -39.68
C GLU A 133 -23.09 33.84 -40.41
N GLU A 134 -23.36 32.68 -41.00
CA GLU A 134 -24.61 32.39 -41.74
C GLU A 134 -25.78 32.31 -40.74
N ILE A 135 -25.51 31.81 -39.54
CA ILE A 135 -26.56 31.33 -38.58
C ILE A 135 -27.49 32.48 -38.18
N PRO A 136 -26.99 33.71 -37.90
CA PRO A 136 -27.88 34.85 -37.61
C PRO A 136 -28.91 35.06 -38.71
N ALA A 137 -28.47 35.16 -39.97
CA ALA A 137 -29.32 35.29 -41.19
C ALA A 137 -30.24 34.07 -41.30
N LEU A 138 -29.71 32.87 -41.09
CA LEU A 138 -30.48 31.60 -41.10
C LEU A 138 -31.59 31.65 -40.06
N ASP A 139 -31.31 32.18 -38.87
CA ASP A 139 -32.28 32.22 -37.73
C ASP A 139 -33.47 33.12 -38.05
N LYS A 140 -33.24 34.27 -38.71
CA LYS A 140 -34.33 35.22 -39.09
C LYS A 140 -35.32 34.50 -40.01
N GLU A 141 -34.82 33.74 -41.01
CA GLU A 141 -35.59 32.97 -42.02
C GLU A 141 -36.41 31.88 -41.31
N LEU A 142 -35.80 31.21 -40.34
CA LEU A 142 -36.41 30.09 -39.58
C LEU A 142 -37.35 30.62 -38.50
N LYS A 143 -37.04 31.79 -37.92
CA LYS A 143 -37.84 32.45 -36.84
C LYS A 143 -39.21 32.84 -37.41
N ALA A 144 -39.26 33.37 -38.64
CA ALA A 144 -40.50 33.73 -39.38
C ALA A 144 -41.40 32.51 -39.57
N LYS A 145 -40.81 31.34 -39.89
CA LYS A 145 -41.52 30.05 -40.11
C LYS A 145 -42.17 29.57 -38.82
N GLY A 146 -41.57 29.88 -37.67
CA GLY A 146 -42.12 29.59 -36.32
C GLY A 146 -41.21 28.72 -35.48
N LYS A 147 -39.92 28.60 -35.84
CA LYS A 147 -38.92 27.78 -35.11
C LYS A 147 -37.60 28.56 -35.00
N SER A 148 -36.59 27.98 -34.34
CA SER A 148 -35.23 28.56 -34.12
C SER A 148 -34.25 28.01 -35.15
N ALA A 149 -32.98 28.41 -35.06
CA ALA A 149 -31.86 27.90 -35.88
C ALA A 149 -31.03 26.88 -35.09
N LEU A 150 -30.61 27.25 -33.87
CA LEU A 150 -29.47 26.59 -33.18
C LEU A 150 -29.61 26.67 -31.65
N MET A 151 -29.78 25.52 -30.99
CA MET A 151 -29.87 25.42 -29.53
C MET A 151 -28.94 24.31 -29.02
N PHE A 152 -28.06 24.69 -28.08
CA PHE A 152 -27.11 23.79 -27.38
C PHE A 152 -26.79 24.36 -25.99
N ASN A 153 -26.22 23.52 -25.13
CA ASN A 153 -25.81 23.90 -23.76
C ASN A 153 -24.81 25.06 -23.84
N LEU A 154 -25.15 26.23 -23.30
CA LEU A 154 -24.22 27.39 -23.16
C LEU A 154 -23.67 27.48 -21.72
N GLN A 155 -24.23 26.68 -20.81
CA GLN A 155 -23.83 26.70 -19.37
C GLN A 155 -22.44 26.07 -19.24
N GLU A 156 -22.22 24.90 -19.85
CA GLU A 156 -20.97 24.11 -19.70
C GLU A 156 -20.00 24.47 -20.83
N PRO A 157 -18.74 24.86 -20.49
CA PRO A 157 -17.78 25.35 -21.48
C PRO A 157 -17.31 24.32 -22.51
N TYR A 158 -17.62 23.03 -22.31
CA TYR A 158 -17.29 21.95 -23.25
C TYR A 158 -17.89 22.28 -24.62
N PHE A 159 -19.08 22.89 -24.63
CA PHE A 159 -19.92 23.14 -25.84
C PHE A 159 -19.68 24.52 -26.46
N THR A 160 -19.18 25.48 -25.68
CA THR A 160 -18.96 26.88 -26.14
C THR A 160 -17.53 27.04 -26.67
N TRP A 161 -16.61 26.25 -26.10
CA TRP A 161 -15.15 26.28 -26.37
C TRP A 161 -14.85 26.04 -27.85
N PRO A 162 -15.51 25.08 -28.53
CA PRO A 162 -15.19 24.79 -29.93
C PRO A 162 -15.21 26.06 -30.80
N LEU A 163 -16.17 26.96 -30.55
CA LEU A 163 -16.28 28.29 -31.21
C LEU A 163 -15.15 29.20 -30.73
N ILE A 164 -14.87 29.21 -29.41
CA ILE A 164 -13.95 30.19 -28.76
C ILE A 164 -12.52 29.98 -29.27
N ALA A 165 -12.02 28.75 -29.29
CA ALA A 165 -10.63 28.40 -29.66
C ALA A 165 -10.44 28.29 -31.18
N ALA A 166 -11.45 28.65 -31.99
CA ALA A 166 -11.46 28.48 -33.46
C ALA A 166 -10.46 29.43 -34.12
N ASP A 167 -10.40 30.69 -33.68
CA ASP A 167 -9.52 31.73 -34.29
C ASP A 167 -8.24 31.89 -33.46
N GLY A 168 -7.88 30.88 -32.68
CA GLY A 168 -6.72 30.89 -31.77
C GLY A 168 -7.16 30.55 -30.37
N GLY A 169 -6.26 30.60 -29.40
CA GLY A 169 -6.64 30.43 -27.98
C GLY A 169 -6.80 28.97 -27.60
N TYR A 170 -6.29 28.61 -26.43
CA TYR A 170 -6.06 27.23 -25.96
C TYR A 170 -6.09 27.21 -24.44
N ALA A 171 -6.37 26.05 -23.86
CA ALA A 171 -6.23 25.84 -22.40
C ALA A 171 -4.76 26.08 -22.01
N PHE A 172 -3.86 25.19 -22.39
CA PHE A 172 -2.44 25.23 -21.94
C PHE A 172 -1.53 24.90 -23.11
N LYS A 173 -0.55 25.76 -23.37
CA LYS A 173 0.42 25.57 -24.47
C LYS A 173 1.28 24.36 -24.15
N TYR A 174 1.53 23.53 -25.17
CA TYR A 174 2.30 22.27 -25.13
C TYR A 174 3.63 22.49 -25.85
N ALA A 175 4.75 22.36 -25.14
CA ALA A 175 6.12 22.50 -25.69
C ALA A 175 7.06 21.52 -24.99
N ALA A 176 8.10 21.05 -25.67
CA ALA A 176 9.09 20.08 -25.11
C ALA A 176 8.35 18.89 -24.48
N GLY A 177 7.35 18.36 -25.19
CA GLY A 177 6.61 17.13 -24.80
C GLY A 177 5.90 17.27 -23.46
N LYS A 178 5.59 18.49 -23.03
CA LYS A 178 4.92 18.77 -21.74
C LYS A 178 3.85 19.86 -21.92
N TYR A 179 2.94 19.96 -20.96
CA TYR A 179 1.98 21.08 -20.82
C TYR A 179 2.58 22.11 -19.87
N ASP A 180 2.39 23.39 -20.18
CA ASP A 180 2.92 24.54 -19.40
C ASP A 180 1.77 25.18 -18.65
N ILE A 181 1.61 24.86 -17.37
CA ILE A 181 0.46 25.28 -16.50
C ILE A 181 0.44 26.80 -16.31
N LYS A 182 1.57 27.47 -16.61
CA LYS A 182 1.75 28.94 -16.47
C LYS A 182 1.26 29.63 -17.74
N ASP A 183 1.41 29.00 -18.91
CA ASP A 183 1.04 29.61 -20.23
C ASP A 183 -0.38 29.22 -20.65
N VAL A 184 -1.34 30.12 -20.41
CA VAL A 184 -2.77 29.93 -20.74
C VAL A 184 -3.12 30.83 -21.92
N GLY A 185 -3.96 30.32 -22.84
CA GLY A 185 -4.32 31.00 -24.10
C GLY A 185 -5.79 31.39 -24.15
N VAL A 186 -6.26 32.13 -23.15
CA VAL A 186 -7.69 32.48 -23.00
C VAL A 186 -7.91 33.99 -23.22
N ASP A 187 -6.91 34.84 -22.93
CA ASP A 187 -7.04 36.33 -23.00
C ASP A 187 -6.40 36.85 -24.30
N ASN A 188 -6.09 35.96 -25.25
CA ASN A 188 -5.58 36.32 -26.61
C ASN A 188 -6.76 36.75 -27.49
N ALA A 189 -6.47 37.24 -28.70
CA ALA A 189 -7.45 37.82 -29.66
C ALA A 189 -8.44 36.75 -30.11
N GLY A 190 -7.92 35.59 -30.51
CA GLY A 190 -8.74 34.47 -31.03
C GLY A 190 -9.87 34.11 -30.08
N ALA A 191 -9.54 33.99 -28.80
CA ALA A 191 -10.51 33.69 -27.73
C ALA A 191 -11.59 34.76 -27.71
N LYS A 192 -11.18 36.03 -27.74
CA LYS A 192 -12.07 37.21 -27.59
C LYS A 192 -13.03 37.22 -28.78
N ALA A 193 -12.50 37.18 -29.99
CA ALA A 193 -13.31 37.13 -31.22
C ALA A 193 -14.32 35.98 -31.12
N GLY A 194 -13.86 34.77 -30.79
CA GLY A 194 -14.73 33.61 -30.62
C GLY A 194 -15.88 33.92 -29.68
N LEU A 195 -15.56 34.34 -28.44
CA LEU A 195 -16.53 34.55 -27.33
C LEU A 195 -17.51 35.66 -27.72
N THR A 196 -17.01 36.77 -28.25
CA THR A 196 -17.80 37.98 -28.58
C THR A 196 -18.89 37.63 -29.61
N PHE A 197 -18.59 36.71 -30.53
CA PHE A 197 -19.57 36.24 -31.54
C PHE A 197 -20.69 35.48 -30.83
N LEU A 198 -20.34 34.70 -29.80
CA LEU A 198 -21.32 33.90 -29.05
C LEU A 198 -22.21 34.83 -28.24
N VAL A 199 -21.61 35.87 -27.64
CA VAL A 199 -22.32 36.87 -26.81
C VAL A 199 -23.29 37.61 -27.75
N ASP A 200 -22.79 38.10 -28.87
CA ASP A 200 -23.60 38.85 -29.87
C ASP A 200 -24.81 38.02 -30.26
N LEU A 201 -24.66 36.71 -30.50
CA LEU A 201 -25.81 35.84 -30.87
C LEU A 201 -26.87 35.90 -29.76
N ILE A 202 -26.43 36.00 -28.50
CA ILE A 202 -27.33 36.12 -27.32
C ILE A 202 -27.93 37.54 -27.29
N LYS A 203 -27.10 38.57 -27.47
CA LYS A 203 -27.54 39.99 -27.51
C LYS A 203 -28.60 40.21 -28.60
N ASN A 204 -28.55 39.46 -29.69
CA ASN A 204 -29.46 39.59 -30.87
C ASN A 204 -30.62 38.59 -30.79
N LYS A 205 -30.82 37.95 -29.64
CA LYS A 205 -31.95 37.04 -29.35
C LYS A 205 -31.96 35.88 -30.37
N HIS A 206 -30.77 35.46 -30.83
CA HIS A 206 -30.57 34.26 -31.70
C HIS A 206 -30.39 33.03 -30.82
N MET A 207 -29.83 33.23 -29.62
CA MET A 207 -29.73 32.20 -28.54
C MET A 207 -29.98 32.87 -27.19
N ASN A 208 -30.43 32.09 -26.20
CA ASN A 208 -30.78 32.54 -24.82
C ASN A 208 -29.73 32.03 -23.83
N ALA A 209 -29.17 32.90 -22.99
CA ALA A 209 -28.13 32.56 -21.99
C ALA A 209 -28.60 31.38 -21.12
N ASP A 210 -29.90 31.35 -20.76
CA ASP A 210 -30.50 30.40 -19.78
C ASP A 210 -30.57 28.98 -20.35
N THR A 211 -30.54 28.83 -21.68
CA THR A 211 -30.69 27.48 -22.33
C THR A 211 -29.53 26.61 -21.89
N ASP A 212 -29.82 25.36 -21.54
CA ASP A 212 -28.85 24.34 -21.07
C ASP A 212 -29.01 23.09 -21.94
N TYR A 213 -28.23 22.05 -21.69
CA TYR A 213 -28.26 20.77 -22.45
C TYR A 213 -29.69 20.22 -22.47
N SER A 214 -30.30 20.09 -21.29
CA SER A 214 -31.68 19.58 -21.06
C SER A 214 -32.64 20.30 -22.02
N ILE A 215 -32.66 21.65 -21.96
CA ILE A 215 -33.59 22.53 -22.72
C ILE A 215 -33.38 22.31 -24.23
N ALA A 216 -32.13 22.43 -24.67
CA ALA A 216 -31.68 22.27 -26.07
C ALA A 216 -32.08 20.90 -26.64
N GLU A 217 -31.87 19.82 -25.87
CA GLU A 217 -32.14 18.41 -26.29
C GLU A 217 -33.62 18.27 -26.65
N ALA A 218 -34.50 18.84 -25.81
CA ALA A 218 -35.96 18.73 -25.95
C ALA A 218 -36.39 19.35 -27.29
N ALA A 219 -35.88 20.55 -27.58
CA ALA A 219 -36.27 21.38 -28.75
C ALA A 219 -35.89 20.69 -30.06
N PHE A 220 -34.68 20.14 -30.17
CA PHE A 220 -34.19 19.45 -31.41
C PHE A 220 -34.96 18.14 -31.62
N ASN A 221 -35.16 17.38 -30.54
CA ASN A 221 -35.92 16.10 -30.55
C ASN A 221 -37.38 16.40 -30.89
N LYS A 222 -37.90 17.53 -30.38
CA LYS A 222 -39.28 18.02 -30.65
C LYS A 222 -39.37 18.49 -32.12
N GLY A 223 -38.35 19.19 -32.60
CA GLY A 223 -38.26 19.75 -33.97
C GLY A 223 -38.53 21.24 -34.00
N GLU A 224 -38.37 21.91 -32.84
CA GLU A 224 -38.57 23.37 -32.67
C GLU A 224 -37.31 24.12 -33.10
N THR A 225 -36.15 23.46 -33.08
CA THR A 225 -34.84 24.04 -33.47
C THR A 225 -34.30 23.28 -34.68
N ALA A 226 -33.59 24.00 -35.56
CA ALA A 226 -33.06 23.49 -36.84
C ALA A 226 -31.80 22.68 -36.58
N MET A 227 -30.92 23.14 -35.70
CA MET A 227 -29.62 22.47 -35.42
C MET A 227 -29.33 22.49 -33.92
N THR A 228 -28.61 21.47 -33.46
CA THR A 228 -28.03 21.35 -32.09
C THR A 228 -26.54 21.07 -32.22
N ILE A 229 -25.86 20.97 -31.09
CA ILE A 229 -24.44 20.55 -31.02
C ILE A 229 -24.34 19.47 -29.93
N ASN A 230 -23.81 18.30 -30.28
CA ASN A 230 -23.74 17.16 -29.33
C ASN A 230 -22.84 16.06 -29.85
N GLY A 231 -22.56 15.10 -28.97
CA GLY A 231 -21.76 13.91 -29.28
C GLY A 231 -22.65 12.76 -29.76
N PRO A 232 -22.03 11.57 -29.98
CA PRO A 232 -22.78 10.36 -30.29
C PRO A 232 -23.53 9.72 -29.11
N TRP A 233 -23.32 10.26 -27.89
CA TRP A 233 -24.11 9.89 -26.69
C TRP A 233 -25.58 10.29 -26.87
N ALA A 234 -25.84 11.32 -27.68
CA ALA A 234 -27.15 11.95 -27.90
C ALA A 234 -27.88 11.29 -29.08
N TRP A 235 -27.20 10.48 -29.89
CA TRP A 235 -27.75 9.88 -31.14
C TRP A 235 -28.96 8.98 -30.86
N SER A 236 -28.94 8.14 -29.82
CA SER A 236 -30.03 7.16 -29.59
C SER A 236 -31.36 7.90 -29.37
N ASN A 237 -31.33 9.11 -28.78
CA ASN A 237 -32.52 9.91 -28.39
C ASN A 237 -33.11 10.68 -29.58
N ILE A 238 -32.27 11.02 -30.56
CA ILE A 238 -32.71 11.67 -31.82
C ILE A 238 -33.35 10.58 -32.68
N ASP A 239 -32.75 9.38 -32.66
CA ASP A 239 -33.24 8.15 -33.34
C ASP A 239 -34.69 7.87 -32.89
N THR A 240 -34.92 7.76 -31.57
CA THR A 240 -36.25 7.41 -30.99
C THR A 240 -37.27 8.50 -31.34
N SER A 241 -36.85 9.76 -31.50
CA SER A 241 -37.72 10.96 -31.65
C SER A 241 -38.28 11.11 -33.07
N ALA A 242 -38.10 10.12 -33.96
CA ALA A 242 -38.68 10.12 -35.33
C ALA A 242 -38.48 11.51 -35.97
N VAL A 243 -37.22 11.96 -36.01
CA VAL A 243 -36.77 13.24 -36.62
C VAL A 243 -35.67 12.92 -37.63
N ASN A 244 -35.93 13.16 -38.91
CA ASN A 244 -34.92 13.01 -39.99
C ASN A 244 -33.76 13.96 -39.67
N TYR A 245 -32.63 13.42 -39.21
CA TYR A 245 -31.43 14.20 -38.87
C TYR A 245 -30.18 13.61 -39.51
N GLY A 246 -29.12 14.41 -39.58
CA GLY A 246 -27.77 14.04 -40.02
C GLY A 246 -26.72 14.81 -39.24
N VAL A 247 -25.48 14.30 -39.24
CA VAL A 247 -24.35 14.89 -38.45
C VAL A 247 -23.29 15.36 -39.45
N THR A 248 -22.90 16.64 -39.36
CA THR A 248 -21.90 17.28 -40.23
C THR A 248 -20.80 17.91 -39.37
N VAL A 249 -19.76 18.41 -40.04
CA VAL A 249 -18.68 19.25 -39.47
C VAL A 249 -19.30 20.47 -38.79
N LEU A 250 -18.72 20.90 -37.66
CA LEU A 250 -19.08 22.17 -36.99
C LEU A 250 -18.81 23.33 -37.95
N PRO A 251 -19.61 24.41 -37.95
CA PRO A 251 -19.34 25.54 -38.82
C PRO A 251 -18.01 26.21 -38.50
N THR A 252 -17.24 26.61 -39.52
CA THR A 252 -15.99 27.38 -39.31
C THR A 252 -16.35 28.76 -38.73
N PHE A 253 -15.43 29.34 -37.96
CA PHE A 253 -15.46 30.76 -37.52
C PHE A 253 -14.27 31.48 -38.14
N LYS A 254 -14.53 32.52 -38.93
CA LYS A 254 -13.47 33.31 -39.62
C LYS A 254 -12.62 32.40 -40.51
N GLY A 255 -13.26 31.39 -41.12
CA GLY A 255 -12.60 30.52 -42.11
C GLY A 255 -11.80 29.40 -41.47
N GLN A 256 -11.63 29.45 -40.14
CA GLN A 256 -10.92 28.44 -39.31
C GLN A 256 -11.96 27.45 -38.82
N PRO A 257 -11.69 26.13 -38.76
CA PRO A 257 -12.66 25.21 -38.18
C PRO A 257 -12.81 25.42 -36.66
N SER A 258 -14.04 25.24 -36.17
CA SER A 258 -14.31 25.11 -34.72
C SER A 258 -13.54 23.90 -34.21
N LYS A 259 -12.75 24.06 -33.15
CA LYS A 259 -11.84 23.03 -32.59
C LYS A 259 -12.37 22.58 -31.24
N PRO A 260 -13.32 21.62 -31.19
CA PRO A 260 -13.81 21.11 -29.90
C PRO A 260 -12.73 20.30 -29.18
N PHE A 261 -12.68 20.37 -27.85
CA PHE A 261 -11.94 19.37 -27.04
C PHE A 261 -12.66 18.03 -27.20
N VAL A 262 -11.91 16.96 -27.42
CA VAL A 262 -12.48 15.61 -27.70
C VAL A 262 -12.15 14.66 -26.54
N GLY A 263 -13.19 14.02 -26.01
CA GLY A 263 -13.08 12.93 -25.03
C GLY A 263 -13.07 11.58 -25.73
N VAL A 264 -12.21 10.67 -25.26
CA VAL A 264 -12.11 9.26 -25.75
C VAL A 264 -12.69 8.35 -24.66
N LEU A 265 -13.74 7.58 -24.99
CA LEU A 265 -14.20 6.50 -24.09
C LEU A 265 -13.05 5.50 -23.98
N SER A 266 -12.65 5.10 -22.75
CA SER A 266 -11.45 4.26 -22.49
C SER A 266 -11.70 3.24 -21.37
N ALA A 267 -10.94 2.15 -21.38
CA ALA A 267 -11.04 1.01 -20.43
C ALA A 267 -9.74 0.90 -19.63
N GLY A 268 -9.80 1.26 -18.35
CA GLY A 268 -8.67 1.17 -17.40
C GLY A 268 -8.83 -0.04 -16.49
N ILE A 269 -7.75 -0.41 -15.79
CA ILE A 269 -7.76 -1.54 -14.80
C ILE A 269 -7.36 -1.00 -13.42
N ASN A 270 -8.11 -1.40 -12.39
CA ASN A 270 -7.90 -0.97 -10.98
C ASN A 270 -6.69 -1.72 -10.43
N ALA A 271 -5.74 -1.03 -9.79
CA ALA A 271 -4.52 -1.62 -9.19
C ALA A 271 -4.90 -2.69 -8.16
N ALA A 272 -6.06 -2.57 -7.51
CA ALA A 272 -6.55 -3.49 -6.46
C ALA A 272 -7.34 -4.65 -7.07
N SER A 273 -7.44 -4.71 -8.40
CA SER A 273 -7.98 -5.88 -9.13
C SER A 273 -6.87 -6.93 -9.27
N PRO A 274 -7.05 -8.14 -8.71
CA PRO A 274 -6.06 -9.20 -8.94
C PRO A 274 -6.28 -9.87 -10.30
N ASN A 275 -7.41 -9.59 -10.97
CA ASN A 275 -7.82 -10.23 -12.26
C ASN A 275 -7.26 -9.43 -13.45
N LYS A 276 -6.10 -8.80 -13.29
CA LYS A 276 -5.49 -7.92 -14.32
C LYS A 276 -5.18 -8.71 -15.59
N GLU A 277 -4.67 -9.94 -15.45
CA GLU A 277 -4.31 -10.79 -16.60
C GLU A 277 -5.58 -11.19 -17.37
N LEU A 278 -6.64 -11.51 -16.63
CA LEU A 278 -7.95 -11.93 -17.18
C LEU A 278 -8.64 -10.74 -17.86
N ALA A 279 -8.63 -9.58 -17.19
CA ALA A 279 -9.21 -8.30 -17.66
C ALA A 279 -8.55 -7.87 -18.98
N LYS A 280 -7.21 -7.92 -19.03
CA LYS A 280 -6.36 -7.55 -20.18
C LYS A 280 -6.74 -8.38 -21.41
N GLU A 281 -6.93 -9.69 -21.23
CA GLU A 281 -7.30 -10.62 -22.31
C GLU A 281 -8.66 -10.19 -22.89
N PHE A 282 -9.63 -9.92 -22.02
CA PHE A 282 -11.01 -9.50 -22.40
C PHE A 282 -10.95 -8.22 -23.25
N LEU A 283 -10.22 -7.21 -22.80
CA LEU A 283 -10.09 -5.91 -23.51
C LEU A 283 -9.35 -6.13 -24.84
N GLU A 284 -8.16 -6.74 -24.79
CA GLU A 284 -7.22 -6.87 -25.93
C GLU A 284 -7.87 -7.73 -27.02
N ASN A 285 -8.49 -8.86 -26.66
CA ASN A 285 -8.84 -9.96 -27.58
C ASN A 285 -10.35 -10.23 -27.67
N TYR A 286 -11.22 -9.43 -27.01
CA TYR A 286 -12.70 -9.60 -27.08
C TYR A 286 -13.40 -8.26 -27.33
N LEU A 287 -13.09 -7.24 -26.53
CA LEU A 287 -13.75 -5.92 -26.66
C LEU A 287 -13.24 -5.28 -27.94
N LEU A 288 -11.93 -5.02 -28.02
CA LEU A 288 -11.28 -4.40 -29.21
C LEU A 288 -11.28 -5.39 -30.39
N THR A 289 -12.47 -5.81 -30.83
CA THR A 289 -12.69 -6.74 -31.97
C THR A 289 -13.89 -6.25 -32.78
N ASP A 290 -13.79 -6.24 -34.12
CA ASP A 290 -14.85 -5.75 -35.03
C ASP A 290 -16.22 -6.25 -34.54
N GLU A 291 -16.32 -7.53 -34.16
CA GLU A 291 -17.57 -8.14 -33.62
C GLU A 291 -17.81 -7.59 -32.21
N GLY A 292 -16.81 -7.61 -31.34
CA GLY A 292 -16.91 -7.09 -29.96
C GLY A 292 -17.53 -5.70 -29.93
N LEU A 293 -16.84 -4.73 -30.54
CA LEU A 293 -17.25 -3.31 -30.65
C LEU A 293 -18.63 -3.21 -31.29
N GLU A 294 -18.93 -4.00 -32.33
CA GLU A 294 -20.24 -3.96 -33.02
C GLU A 294 -21.34 -4.29 -32.01
N ALA A 295 -21.17 -5.35 -31.23
CA ALA A 295 -22.17 -5.77 -30.22
C ALA A 295 -22.58 -4.57 -29.36
N VAL A 296 -21.60 -3.77 -28.95
CA VAL A 296 -21.83 -2.52 -28.16
C VAL A 296 -22.60 -1.53 -29.04
N ASN A 297 -22.06 -1.20 -30.22
CA ASN A 297 -22.59 -0.18 -31.17
C ASN A 297 -24.04 -0.50 -31.55
N LYS A 298 -24.41 -1.77 -31.62
CA LYS A 298 -25.80 -2.23 -31.90
C LYS A 298 -26.72 -1.65 -30.84
N ASP A 299 -26.32 -1.75 -29.57
CA ASP A 299 -27.14 -1.26 -28.43
C ASP A 299 -27.15 0.27 -28.45
N LYS A 300 -25.97 0.90 -28.39
CA LYS A 300 -25.78 2.37 -28.45
C LYS A 300 -24.52 2.70 -29.23
N PRO A 301 -24.58 3.63 -30.20
CA PRO A 301 -23.43 3.93 -31.05
C PRO A 301 -22.32 4.62 -30.26
N LEU A 302 -21.05 4.31 -30.54
CA LEU A 302 -19.87 4.93 -29.89
C LEU A 302 -19.30 6.06 -30.75
N GLY A 303 -19.86 6.22 -31.96
CA GLY A 303 -19.37 7.15 -33.00
C GLY A 303 -18.15 6.58 -33.68
N ALA A 304 -17.06 7.35 -33.74
CA ALA A 304 -15.71 6.86 -34.16
C ALA A 304 -15.11 6.02 -33.02
N VAL A 305 -14.44 4.93 -33.38
CA VAL A 305 -13.80 3.94 -32.45
C VAL A 305 -12.28 3.95 -32.66
N ALA A 306 -11.52 3.65 -31.61
CA ALA A 306 -10.03 3.66 -31.61
C ALA A 306 -9.50 2.56 -32.54
N LEU A 307 -10.15 1.39 -32.57
CA LEU A 307 -9.75 0.26 -33.45
C LEU A 307 -9.91 0.68 -34.90
N LYS A 308 -8.91 0.43 -35.75
CA LYS A 308 -8.90 0.81 -37.20
C LYS A 308 -9.79 -0.15 -38.00
N SER A 309 -9.68 -1.46 -37.70
CA SER A 309 -10.56 -2.54 -38.20
C SER A 309 -11.98 -1.98 -38.39
N TYR A 310 -12.69 -1.71 -37.29
CA TYR A 310 -14.15 -1.40 -37.30
C TYR A 310 -14.39 0.08 -37.66
N GLU A 311 -13.43 0.98 -37.42
CA GLU A 311 -13.58 2.43 -37.75
C GLU A 311 -13.66 2.60 -39.28
N GLU A 312 -12.84 1.86 -40.03
CA GLU A 312 -12.84 1.79 -41.52
C GLU A 312 -14.21 1.30 -42.01
N GLU A 313 -14.87 0.44 -41.24
CA GLU A 313 -16.25 -0.01 -41.52
C GLU A 313 -17.22 1.15 -41.22
N LEU A 314 -17.26 1.62 -39.97
CA LEU A 314 -18.30 2.55 -39.46
C LEU A 314 -18.27 3.88 -40.21
N ALA A 315 -17.10 4.33 -40.67
CA ALA A 315 -16.90 5.65 -41.31
C ALA A 315 -17.57 5.69 -42.69
N LYS A 316 -18.18 4.60 -43.14
CA LYS A 316 -19.04 4.58 -44.36
C LYS A 316 -20.32 5.37 -44.07
N ASP A 317 -20.72 5.45 -42.80
CA ASP A 317 -21.84 6.27 -42.27
C ASP A 317 -21.37 7.72 -42.10
N PRO A 318 -22.08 8.70 -42.71
CA PRO A 318 -21.66 10.09 -42.68
C PRO A 318 -21.51 10.66 -41.26
N ARG A 319 -22.31 10.13 -40.32
CA ARG A 319 -22.29 10.50 -38.87
C ARG A 319 -20.90 10.23 -38.30
N ILE A 320 -20.40 8.99 -38.44
CA ILE A 320 -19.14 8.51 -37.83
C ILE A 320 -17.98 9.21 -38.56
N ALA A 321 -18.12 9.44 -39.86
CA ALA A 321 -17.12 10.13 -40.71
C ALA A 321 -17.02 11.60 -40.28
N ALA A 322 -18.16 12.22 -39.95
CA ALA A 322 -18.28 13.61 -39.44
C ALA A 322 -17.65 13.72 -38.06
N THR A 323 -17.92 12.75 -37.18
CA THR A 323 -17.39 12.68 -35.79
C THR A 323 -15.86 12.73 -35.82
N MET A 324 -15.23 11.86 -36.61
CA MET A 324 -13.75 11.76 -36.73
C MET A 324 -13.21 13.11 -37.23
N GLU A 325 -13.88 13.70 -38.21
CA GLU A 325 -13.50 14.99 -38.85
C GLU A 325 -13.44 16.09 -37.76
N ASN A 326 -14.47 16.18 -36.93
CA ASN A 326 -14.54 17.17 -35.82
C ASN A 326 -13.42 16.87 -34.81
N ALA A 327 -13.06 15.60 -34.66
CA ALA A 327 -11.99 15.14 -33.76
C ALA A 327 -10.64 15.55 -34.32
N GLN A 328 -10.44 15.47 -35.64
CA GLN A 328 -9.13 15.81 -36.27
C GLN A 328 -8.89 17.32 -36.16
N LYS A 329 -9.85 18.13 -36.63
CA LYS A 329 -9.85 19.62 -36.55
C LYS A 329 -9.86 20.06 -35.09
N GLY A 330 -10.49 19.28 -34.21
CA GLY A 330 -10.40 19.47 -32.75
C GLY A 330 -9.07 18.99 -32.18
N GLU A 331 -8.85 19.24 -30.90
CA GLU A 331 -7.68 18.74 -30.14
C GLU A 331 -8.19 17.83 -29.02
N ILE A 332 -7.37 16.83 -28.68
CA ILE A 332 -7.64 15.83 -27.61
C ILE A 332 -7.55 16.57 -26.27
N MET A 333 -8.43 16.22 -25.34
CA MET A 333 -8.58 16.92 -24.04
C MET A 333 -7.43 16.55 -23.12
N PRO A 334 -6.64 17.51 -22.58
CA PRO A 334 -5.50 17.15 -21.73
C PRO A 334 -6.06 16.53 -20.44
N ASN A 335 -5.34 15.58 -19.84
CA ASN A 335 -5.80 14.87 -18.62
C ASN A 335 -5.12 15.48 -17.39
N ILE A 336 -4.17 16.40 -17.57
CA ILE A 336 -3.41 17.04 -16.45
C ILE A 336 -4.41 17.63 -15.47
N PRO A 337 -4.06 17.69 -14.18
CA PRO A 337 -4.97 18.20 -13.15
C PRO A 337 -5.49 19.63 -13.35
N GLN A 338 -4.62 20.51 -13.86
N GLN A 338 -4.63 20.53 -13.84
CA GLN A 338 -4.86 21.97 -13.98
CA GLN A 338 -4.91 21.99 -13.93
C GLN A 338 -6.02 22.25 -14.94
C GLN A 338 -6.07 22.26 -14.91
N MET A 339 -6.52 21.23 -15.64
CA MET A 339 -7.70 21.35 -16.53
C MET A 339 -8.96 21.59 -15.69
N SER A 340 -9.02 21.14 -14.43
CA SER A 340 -10.16 21.44 -13.52
C SER A 340 -10.36 22.96 -13.44
N ALA A 341 -9.24 23.66 -13.23
CA ALA A 341 -9.12 25.14 -13.00
C ALA A 341 -9.26 25.92 -14.32
N PHE A 342 -8.89 25.35 -15.47
CA PHE A 342 -9.28 25.83 -16.81
C PHE A 342 -10.80 25.88 -16.90
N TRP A 343 -11.46 24.71 -16.90
CA TRP A 343 -12.92 24.60 -17.12
C TRP A 343 -13.65 25.54 -16.18
N TYR A 344 -13.23 25.60 -14.90
CA TYR A 344 -13.84 26.50 -13.89
C TYR A 344 -13.68 27.96 -14.36
N ALA A 345 -12.48 28.34 -14.80
CA ALA A 345 -12.13 29.73 -15.21
C ALA A 345 -12.93 30.15 -16.43
N VAL A 346 -13.11 29.20 -17.35
CA VAL A 346 -13.75 29.40 -18.68
C VAL A 346 -15.27 29.40 -18.49
N ARG A 347 -15.82 28.49 -17.68
CA ARG A 347 -17.28 28.41 -17.45
C ARG A 347 -17.78 29.73 -16.85
N THR A 348 -17.07 30.30 -15.87
CA THR A 348 -17.45 31.56 -15.16
C THR A 348 -17.29 32.76 -16.10
N ALA A 349 -16.25 32.75 -16.95
CA ALA A 349 -15.97 33.84 -17.91
C ALA A 349 -17.14 33.92 -18.89
N VAL A 350 -17.53 32.78 -19.46
CA VAL A 350 -18.56 32.71 -20.54
C VAL A 350 -19.90 33.12 -19.93
N ILE A 351 -20.32 32.41 -18.89
CA ILE A 351 -21.63 32.66 -18.22
C ILE A 351 -21.81 34.16 -17.91
N ASN A 352 -20.74 34.82 -17.45
CA ASN A 352 -20.78 36.26 -17.04
C ASN A 352 -20.77 37.20 -18.26
N ALA A 353 -20.17 36.78 -19.37
CA ALA A 353 -20.21 37.53 -20.65
C ALA A 353 -21.65 37.53 -21.20
N ALA A 354 -22.33 36.37 -21.14
CA ALA A 354 -23.72 36.17 -21.56
C ALA A 354 -24.65 36.97 -20.65
N SER A 355 -24.38 36.94 -19.34
CA SER A 355 -25.14 37.67 -18.29
C SER A 355 -25.02 39.19 -18.49
N GLY A 356 -23.92 39.64 -19.11
CA GLY A 356 -23.56 41.06 -19.23
C GLY A 356 -23.00 41.60 -17.93
N ARG A 357 -22.64 40.70 -16.99
CA ARG A 357 -22.01 41.06 -15.68
C ARG A 357 -20.65 41.72 -15.97
N GLN A 358 -19.81 41.03 -16.76
CA GLN A 358 -18.50 41.54 -17.25
C GLN A 358 -18.56 41.67 -18.77
N THR A 359 -17.68 42.49 -19.33
CA THR A 359 -17.40 42.54 -20.79
C THR A 359 -16.65 41.27 -21.16
N VAL A 360 -16.62 40.94 -22.45
CA VAL A 360 -15.90 39.75 -23.00
C VAL A 360 -14.42 39.92 -22.65
N ASP A 361 -13.82 41.05 -23.03
CA ASP A 361 -12.38 41.35 -22.82
C ASP A 361 -12.03 41.19 -21.33
N GLU A 362 -12.97 41.60 -20.46
CA GLU A 362 -12.85 41.70 -18.98
C GLU A 362 -12.98 40.31 -18.32
N ALA A 363 -13.86 39.45 -18.86
CA ALA A 363 -14.10 38.08 -18.35
C ALA A 363 -12.90 37.17 -18.69
N LEU A 364 -12.45 37.22 -19.94
CA LEU A 364 -11.29 36.45 -20.43
C LEU A 364 -10.01 36.88 -19.69
N LYS A 365 -9.93 38.15 -19.28
CA LYS A 365 -8.79 38.68 -18.46
C LYS A 365 -8.79 37.87 -17.16
N ASP A 366 -9.96 37.83 -16.52
CA ASP A 366 -10.20 37.07 -15.27
C ASP A 366 -9.79 35.62 -15.52
N ALA A 367 -10.35 34.99 -16.56
CA ALA A 367 -10.14 33.56 -16.90
C ALA A 367 -8.65 33.21 -17.00
N GLN A 368 -7.85 34.06 -17.65
CA GLN A 368 -6.39 33.87 -17.85
C GLN A 368 -5.69 33.75 -16.48
N THR A 369 -6.14 34.49 -15.47
CA THR A 369 -5.63 34.42 -14.07
C THR A 369 -6.15 33.13 -13.43
N ASN A 370 -7.48 32.96 -13.40
CA ASN A 370 -8.17 31.87 -12.66
C ASN A 370 -7.69 30.49 -13.13
N ALA A 371 -7.40 30.33 -14.42
CA ALA A 371 -7.01 29.05 -15.06
C ALA A 371 -5.64 28.60 -14.57
N ALA A 372 -4.72 29.54 -14.36
CA ALA A 372 -3.30 29.27 -14.04
C ALA A 372 -3.08 29.15 -12.53
N ALA A 373 -4.09 29.41 -11.69
CA ALA A 373 -3.97 29.41 -10.21
C ALA A 373 -3.92 27.97 -9.70
N MET A 374 -2.96 27.66 -8.83
CA MET A 374 -2.80 26.33 -8.19
C MET A 374 -4.09 26.04 -7.43
N GLY A 375 -4.61 24.82 -7.50
CA GLY A 375 -5.73 24.35 -6.68
C GLY A 375 -5.43 24.57 -5.20
N VAL A 376 -4.34 23.99 -4.69
CA VAL A 376 -3.88 24.24 -3.29
C VAL A 376 -2.38 24.53 -3.27
N GLN A 377 -1.98 25.59 -2.55
CA GLN A 377 -0.56 25.93 -2.21
C GLN A 377 -0.35 25.62 -0.74
N VAL A 378 0.63 24.77 -0.43
CA VAL A 378 1.00 24.41 0.97
C VAL A 378 2.30 25.13 1.34
N GLU A 379 2.19 26.28 2.02
CA GLU A 379 3.35 27.01 2.61
C GLU A 379 3.53 26.61 4.08
N THR A 380 4.76 26.28 4.50
CA THR A 380 5.09 25.86 5.90
C THR A 380 4.95 27.03 6.87
N ILE A 381 4.38 26.78 8.04
CA ILE A 381 4.45 27.71 9.20
C ILE A 381 5.49 27.15 10.19
N SER A 382 5.27 25.92 10.65
CA SER A 382 6.23 25.12 11.46
C SER A 382 6.56 23.86 10.67
N PRO A 383 7.85 23.44 10.59
CA PRO A 383 8.21 22.23 9.84
C PRO A 383 7.73 20.96 10.56
N GLY A 384 7.57 19.87 9.81
CA GLY A 384 7.20 18.54 10.35
C GLY A 384 8.42 17.65 10.49
N ASP A 385 8.21 16.36 10.78
CA ASP A 385 9.28 15.33 10.93
C ASP A 385 9.96 15.10 9.57
N GLY A 386 9.21 15.23 8.46
CA GLY A 386 9.69 15.12 7.07
C GLY A 386 9.67 13.70 6.52
N ARG A 387 9.40 12.71 7.38
CA ARG A 387 9.39 11.25 7.04
C ARG A 387 7.94 10.80 6.78
N THR A 388 7.07 10.91 7.80
CA THR A 388 5.70 10.37 7.79
C THR A 388 4.80 11.27 6.93
N PHE A 389 4.17 10.69 5.91
CA PHE A 389 3.16 11.37 5.06
C PHE A 389 1.84 10.59 5.14
N PRO A 390 0.68 11.29 5.18
CA PRO A 390 -0.60 10.58 5.17
C PRO A 390 -0.71 9.72 3.91
N LYS A 391 -1.29 8.52 4.01
CA LYS A 391 -1.53 7.59 2.87
C LYS A 391 -3.03 7.32 2.78
N ARG A 392 -3.55 7.12 1.56
CA ARG A 392 -5.01 6.91 1.30
C ARG A 392 -5.53 5.80 2.20
N GLY A 393 -6.65 6.03 2.91
CA GLY A 393 -7.27 5.07 3.84
C GLY A 393 -6.83 5.28 5.28
N GLN A 394 -6.04 6.32 5.54
CA GLN A 394 -5.54 6.73 6.89
C GLN A 394 -6.30 7.96 7.39
N THR A 395 -6.68 7.94 8.66
CA THR A 395 -7.35 9.07 9.35
C THR A 395 -6.30 10.10 9.77
N CYS A 396 -6.45 11.36 9.35
CA CYS A 396 -5.60 12.50 9.74
C CYS A 396 -6.21 13.24 10.93
N VAL A 397 -5.45 13.44 12.01
CA VAL A 397 -5.89 14.25 13.19
C VAL A 397 -5.20 15.62 13.08
N VAL A 398 -5.99 16.70 12.90
CA VAL A 398 -5.47 18.09 12.76
C VAL A 398 -6.26 19.02 13.68
N HIS A 399 -5.64 20.17 13.98
CA HIS A 399 -6.29 21.46 14.35
C HIS A 399 -6.30 22.35 13.09
N TYR A 400 -7.33 23.18 12.91
CA TYR A 400 -7.38 24.11 11.76
C TYR A 400 -8.14 25.38 12.16
N THR A 401 -7.73 26.49 11.55
CA THR A 401 -8.43 27.80 11.46
C THR A 401 -8.72 28.04 9.97
N GLY A 402 -9.97 28.29 9.60
CA GLY A 402 -10.37 28.57 8.21
C GLY A 402 -10.93 29.97 8.08
N MET A 403 -10.52 30.71 7.05
CA MET A 403 -11.08 32.05 6.74
C MET A 403 -11.04 32.30 5.22
N LEU A 404 -11.90 33.21 4.75
CA LEU A 404 -11.91 33.63 3.32
C LEU A 404 -10.66 34.48 3.09
N GLU A 405 -10.10 34.41 1.88
CA GLU A 405 -8.95 35.24 1.43
C GLU A 405 -9.48 36.54 0.80
N GLY B 2 -11.63 39.25 3.86
CA GLY B 2 -11.29 38.03 4.65
C GLY B 2 -11.96 38.00 6.01
N LYS B 3 -12.76 36.96 6.28
CA LYS B 3 -13.39 36.70 7.60
C LYS B 3 -13.26 35.22 7.96
N LYS B 4 -13.14 34.94 9.26
CA LYS B 4 -13.00 33.58 9.83
C LYS B 4 -14.39 32.93 9.83
N PHE B 5 -14.50 31.71 9.31
CA PHE B 5 -15.77 30.93 9.27
C PHE B 5 -15.69 29.71 10.21
N ASP B 6 -14.48 29.27 10.59
CA ASP B 6 -14.34 28.11 11.53
C ASP B 6 -12.93 28.02 12.15
N SER B 7 -12.86 27.35 13.30
CA SER B 7 -11.62 27.02 14.04
C SER B 7 -11.90 25.86 15.00
N SER B 8 -11.06 24.82 14.96
CA SER B 8 -11.12 23.64 15.87
C SER B 8 -10.54 24.01 17.23
N ARG B 9 -9.52 24.87 17.22
CA ARG B 9 -8.78 25.37 18.41
C ARG B 9 -9.77 26.12 19.33
N ASP B 10 -10.76 26.79 18.74
CA ASP B 10 -11.91 27.38 19.49
C ASP B 10 -12.63 26.25 20.24
N ARG B 11 -13.18 25.27 19.52
CA ARG B 11 -13.95 24.11 20.08
C ARG B 11 -13.05 23.25 20.99
N ASN B 12 -11.73 23.25 20.74
CA ASN B 12 -10.69 22.49 21.50
C ASN B 12 -10.95 20.99 21.41
N LYS B 13 -11.31 20.54 20.22
CA LYS B 13 -11.34 19.11 19.82
C LYS B 13 -10.72 19.02 18.43
N PRO B 14 -9.64 18.23 18.26
CA PRO B 14 -9.09 17.98 16.93
C PRO B 14 -10.14 17.46 15.95
N PHE B 15 -9.84 17.62 14.65
CA PHE B 15 -10.69 17.21 13.50
C PHE B 15 -10.03 16.05 12.77
N LYS B 16 -10.77 14.95 12.60
CA LYS B 16 -10.27 13.70 11.98
C LYS B 16 -11.01 13.44 10.66
N PHE B 17 -10.25 13.23 9.57
CA PHE B 17 -10.78 12.85 8.24
C PHE B 17 -9.92 11.73 7.62
N MET B 18 -10.60 10.88 6.84
CA MET B 18 -10.01 9.77 6.06
C MET B 18 -9.51 10.34 4.73
N LEU B 19 -8.20 10.26 4.46
CA LEU B 19 -7.60 10.81 3.21
C LEU B 19 -8.04 9.94 2.04
N GLY B 20 -8.50 10.56 0.95
CA GLY B 20 -8.86 9.91 -0.32
C GLY B 20 -10.30 9.43 -0.38
N LYS B 21 -11.10 9.63 0.67
CA LYS B 21 -12.52 9.18 0.73
C LYS B 21 -13.44 10.34 0.31
N GLN B 22 -12.84 11.50 0.03
CA GLN B 22 -13.53 12.74 -0.44
C GLN B 22 -14.53 13.19 0.63
N GLU B 23 -14.24 12.90 1.91
CA GLU B 23 -14.96 13.47 3.06
C GLU B 23 -14.80 14.99 3.01
N VAL B 24 -13.61 15.48 2.61
CA VAL B 24 -13.26 16.94 2.63
C VAL B 24 -13.02 17.44 1.20
N ILE B 25 -12.88 18.77 1.07
CA ILE B 25 -12.63 19.48 -0.22
C ILE B 25 -11.30 19.02 -0.86
N ARG B 26 -11.26 19.04 -2.20
CA ARG B 26 -10.09 18.66 -3.05
C ARG B 26 -8.80 19.29 -2.52
N GLY B 27 -8.86 20.54 -2.05
CA GLY B 27 -7.69 21.31 -1.55
C GLY B 27 -7.11 20.68 -0.30
N TRP B 28 -7.93 20.02 0.51
CA TRP B 28 -7.50 19.36 1.78
C TRP B 28 -6.89 17.98 1.48
N GLU B 29 -7.42 17.27 0.50
CA GLU B 29 -6.94 15.91 0.17
C GLU B 29 -5.59 16.02 -0.51
N GLU B 30 -5.44 16.86 -1.54
CA GLU B 30 -4.13 17.04 -2.20
C GLU B 30 -3.16 17.76 -1.24
N GLY B 31 -3.69 18.68 -0.42
CA GLY B 31 -2.94 19.61 0.46
C GLY B 31 -2.34 18.94 1.69
N VAL B 32 -3.13 18.21 2.50
CA VAL B 32 -2.65 17.60 3.77
C VAL B 32 -1.82 16.35 3.44
N ALA B 33 -2.06 15.74 2.27
CA ALA B 33 -1.24 14.62 1.74
C ALA B 33 0.20 15.08 1.58
N GLN B 34 0.44 16.38 1.46
CA GLN B 34 1.79 16.95 1.25
C GLN B 34 2.47 17.31 2.57
N MET B 35 1.73 17.33 3.67
CA MET B 35 2.26 17.71 5.00
C MET B 35 2.85 16.45 5.65
N SER B 36 4.02 16.58 6.28
CA SER B 36 4.64 15.59 7.20
C SER B 36 3.95 15.68 8.57
N VAL B 37 3.95 14.61 9.36
CA VAL B 37 3.27 14.59 10.70
C VAL B 37 3.97 15.58 11.63
N GLY B 38 3.18 16.45 12.29
CA GLY B 38 3.67 17.47 13.23
C GLY B 38 3.84 18.82 12.54
N GLN B 39 3.94 18.82 11.20
CA GLN B 39 4.06 20.04 10.38
C GLN B 39 2.82 20.92 10.54
N ARG B 40 2.99 22.24 10.52
CA ARG B 40 1.91 23.24 10.43
C ARG B 40 2.08 24.10 9.17
N ALA B 41 1.03 24.29 8.38
CA ALA B 41 1.16 25.05 7.11
C ALA B 41 -0.12 25.80 6.73
N LYS B 42 0.08 26.91 6.03
CA LYS B 42 -0.96 27.71 5.36
C LYS B 42 -1.34 26.98 4.06
N LEU B 43 -2.57 26.44 4.02
CA LEU B 43 -3.23 25.93 2.79
C LEU B 43 -4.02 27.08 2.17
N THR B 44 -3.51 27.66 1.09
CA THR B 44 -4.24 28.65 0.24
C THR B 44 -4.97 27.87 -0.85
N ILE B 45 -6.26 27.61 -0.64
CA ILE B 45 -7.07 26.77 -1.56
C ILE B 45 -7.84 27.67 -2.51
N SER B 46 -7.79 27.38 -3.81
CA SER B 46 -8.57 28.08 -4.86
C SER B 46 -10.00 27.56 -4.88
N PRO B 47 -10.98 28.29 -5.48
CA PRO B 47 -12.40 27.90 -5.44
C PRO B 47 -12.66 26.52 -6.08
N ASP B 48 -11.90 26.21 -7.13
CA ASP B 48 -11.99 24.94 -7.90
C ASP B 48 -11.78 23.80 -6.92
N TYR B 49 -10.80 23.94 -6.02
CA TYR B 49 -10.39 22.92 -5.01
C TYR B 49 -11.16 23.09 -3.71
N ALA B 50 -12.00 24.13 -3.61
CA ALA B 50 -12.93 24.40 -2.49
C ALA B 50 -14.37 24.18 -2.98
N TYR B 51 -15.25 25.20 -2.91
CA TYR B 51 -16.71 25.11 -3.19
C TYR B 51 -17.09 25.76 -4.52
N GLY B 52 -16.10 26.23 -5.31
CA GLY B 52 -16.29 26.74 -6.69
C GLY B 52 -17.43 27.73 -6.80
N ALA B 53 -18.20 27.64 -7.89
CA ALA B 53 -19.24 28.63 -8.29
C ALA B 53 -20.49 28.54 -7.40
N THR B 54 -20.74 27.41 -6.72
CA THR B 54 -21.87 27.26 -5.76
C THR B 54 -21.51 27.98 -4.46
N GLY B 55 -20.28 27.78 -4.00
CA GLY B 55 -19.94 28.06 -2.60
C GLY B 55 -20.70 27.13 -1.67
N HIS B 56 -20.55 27.33 -0.36
CA HIS B 56 -21.25 26.56 0.68
C HIS B 56 -22.40 27.41 1.16
N PRO B 57 -23.66 26.98 0.96
CA PRO B 57 -24.82 27.84 1.17
C PRO B 57 -24.80 28.47 2.59
N GLY B 58 -24.80 29.80 2.66
CA GLY B 58 -24.94 30.57 3.90
C GLY B 58 -23.62 30.85 4.60
N ILE B 59 -22.54 30.14 4.26
CA ILE B 59 -21.22 30.26 4.97
C ILE B 59 -20.14 30.78 4.02
N ILE B 60 -20.00 30.22 2.82
CA ILE B 60 -18.92 30.60 1.87
C ILE B 60 -19.50 31.01 0.52
N PRO B 61 -19.14 32.22 0.03
CA PRO B 61 -19.64 32.71 -1.26
C PRO B 61 -19.10 31.92 -2.44
N PRO B 62 -19.70 32.09 -3.64
CA PRO B 62 -19.12 31.55 -4.86
C PRO B 62 -17.77 32.17 -5.19
N HIS B 63 -16.92 31.38 -5.86
CA HIS B 63 -15.58 31.79 -6.35
C HIS B 63 -14.70 32.25 -5.19
N ALA B 64 -14.88 31.66 -4.00
CA ALA B 64 -14.11 32.07 -2.80
C ALA B 64 -12.87 31.18 -2.67
N THR B 65 -11.70 31.80 -2.80
CA THR B 65 -10.37 31.28 -2.36
C THR B 65 -10.38 31.19 -0.83
N LEU B 66 -10.01 30.03 -0.30
CA LEU B 66 -9.98 29.74 1.16
C LEU B 66 -8.53 29.67 1.64
N VAL B 67 -8.28 30.14 2.86
CA VAL B 67 -6.98 29.98 3.54
C VAL B 67 -7.25 29.15 4.78
N PHE B 68 -6.51 28.07 4.97
CA PHE B 68 -6.54 27.20 6.17
C PHE B 68 -5.16 27.14 6.83
N ASP B 69 -5.14 27.37 8.13
CA ASP B 69 -4.01 27.09 9.05
C ASP B 69 -4.19 25.67 9.53
N VAL B 70 -3.39 24.72 9.01
CA VAL B 70 -3.50 23.29 9.41
C VAL B 70 -2.22 22.84 10.09
N GLU B 71 -2.36 22.19 11.23
CA GLU B 71 -1.29 21.43 11.91
C GLU B 71 -1.69 19.96 11.92
N LEU B 72 -0.93 19.10 11.23
CA LEU B 72 -1.12 17.62 11.21
C LEU B 72 -0.52 17.05 12.49
N LEU B 73 -1.38 16.73 13.47
CA LEU B 73 -1.01 16.35 14.86
C LEU B 73 -0.65 14.86 14.92
N LYS B 74 -1.50 13.99 14.36
CA LYS B 74 -1.35 12.52 14.49
C LYS B 74 -2.00 11.83 13.30
N LEU B 75 -1.40 10.72 12.87
CA LEU B 75 -2.01 9.76 11.91
C LEU B 75 -2.63 8.60 12.70
N GLU B 76 -3.77 8.08 12.23
CA GLU B 76 -4.51 6.96 12.84
C GLU B 76 -5.14 6.12 11.73
N GLU C 6 -8.81 -11.17 7.94
CA GLU C 6 -9.82 -10.67 6.95
C GLU C 6 -11.17 -11.36 7.21
N GLU C 7 -11.97 -10.89 8.17
CA GLU C 7 -13.33 -11.41 8.52
C GLU C 7 -13.99 -10.51 9.59
N GLY C 8 -15.11 -10.92 10.21
CA GLY C 8 -15.90 -10.14 11.19
C GLY C 8 -15.86 -10.72 12.62
N LYS C 9 -14.81 -11.48 12.95
CA LYS C 9 -14.57 -12.11 14.29
C LYS C 9 -13.06 -12.23 14.51
N LEU C 10 -12.60 -12.73 15.66
CA LEU C 10 -11.14 -12.76 16.02
C LEU C 10 -10.55 -14.16 15.87
N VAL C 11 -9.57 -14.31 14.95
CA VAL C 11 -8.79 -15.56 14.76
C VAL C 11 -7.42 -15.39 15.42
N ILE C 12 -7.04 -16.27 16.34
CA ILE C 12 -5.75 -16.20 17.07
C ILE C 12 -4.82 -17.32 16.62
N TRP C 13 -3.57 -16.97 16.33
CA TRP C 13 -2.47 -17.93 16.06
C TRP C 13 -1.50 -17.89 17.23
N ILE C 14 -1.28 -19.04 17.87
CA ILE C 14 -0.34 -19.23 19.02
C ILE C 14 0.41 -20.55 18.85
N ASN C 15 1.62 -20.64 19.39
CA ASN C 15 2.44 -21.88 19.34
C ASN C 15 1.76 -22.98 20.18
N GLY C 16 1.92 -24.24 19.75
CA GLY C 16 1.24 -25.42 20.33
C GLY C 16 1.74 -25.79 21.72
N ASP C 17 2.87 -25.22 22.16
CA ASP C 17 3.45 -25.48 23.50
C ASP C 17 2.92 -24.46 24.52
N LYS C 18 2.00 -23.56 24.14
CA LYS C 18 1.66 -22.36 24.95
C LYS C 18 0.37 -22.55 25.77
N GLY C 19 -0.46 -23.55 25.44
CA GLY C 19 -1.76 -23.71 26.10
C GLY C 19 -2.84 -22.86 25.44
N TYR C 20 -3.14 -23.22 24.20
CA TYR C 20 -4.18 -22.64 23.32
C TYR C 20 -5.57 -22.88 23.93
N ASN C 21 -5.74 -23.95 24.72
CA ASN C 21 -7.05 -24.33 25.31
C ASN C 21 -7.40 -23.34 26.43
N GLY C 22 -6.43 -23.01 27.27
CA GLY C 22 -6.63 -21.98 28.31
C GLY C 22 -7.07 -20.67 27.68
N LEU C 23 -6.36 -20.23 26.65
CA LEU C 23 -6.70 -19.00 25.89
C LEU C 23 -8.14 -19.12 25.33
N ALA C 24 -8.48 -20.27 24.75
CA ALA C 24 -9.80 -20.57 24.14
C ALA C 24 -10.91 -20.27 25.14
N GLU C 25 -10.70 -20.64 26.42
CA GLU C 25 -11.63 -20.39 27.55
C GLU C 25 -11.79 -18.87 27.77
N VAL C 26 -10.71 -18.10 27.60
CA VAL C 26 -10.74 -16.61 27.68
C VAL C 26 -11.57 -16.08 26.51
N GLY C 27 -11.42 -16.66 25.32
CA GLY C 27 -12.23 -16.36 24.14
C GLY C 27 -13.72 -16.50 24.43
N LYS C 28 -14.10 -17.62 25.05
CA LYS C 28 -15.52 -17.99 25.32
C LYS C 28 -16.13 -16.93 26.24
N LYS C 29 -15.42 -16.58 27.32
CA LYS C 29 -15.84 -15.50 28.24
C LYS C 29 -16.15 -14.24 27.41
N PHE C 30 -15.27 -13.92 26.45
CA PHE C 30 -15.40 -12.74 25.55
C PHE C 30 -16.68 -12.86 24.73
N GLU C 31 -16.94 -14.06 24.22
CA GLU C 31 -18.12 -14.38 23.38
C GLU C 31 -19.42 -14.27 24.22
N LYS C 32 -19.41 -14.76 25.47
CA LYS C 32 -20.62 -14.68 26.34
C LYS C 32 -20.89 -13.20 26.67
N ASP C 33 -19.86 -12.34 26.61
CA ASP C 33 -19.96 -10.89 26.94
C ASP C 33 -20.22 -10.06 25.68
N THR C 34 -19.62 -10.41 24.55
CA THR C 34 -19.61 -9.56 23.32
C THR C 34 -20.34 -10.25 22.16
N GLY C 35 -20.39 -11.59 22.14
CA GLY C 35 -21.04 -12.38 21.08
C GLY C 35 -20.07 -12.74 19.97
N ILE C 36 -18.84 -12.21 19.99
CA ILE C 36 -17.81 -12.42 18.93
C ILE C 36 -17.14 -13.78 19.16
N LYS C 37 -17.19 -14.63 18.14
CA LYS C 37 -16.47 -15.92 18.07
C LYS C 37 -14.97 -15.62 18.13
N VAL C 38 -14.23 -16.38 18.94
CA VAL C 38 -12.74 -16.30 19.02
C VAL C 38 -12.18 -17.70 18.80
N THR C 39 -11.56 -17.94 17.65
CA THR C 39 -10.97 -19.25 17.28
C THR C 39 -9.46 -19.24 17.51
N VAL C 40 -8.94 -20.26 18.21
CA VAL C 40 -7.53 -20.35 18.65
C VAL C 40 -6.85 -21.54 17.97
N GLU C 41 -6.29 -21.29 16.78
CA GLU C 41 -5.56 -22.29 15.94
C GLU C 41 -4.08 -22.25 16.35
N HIS C 42 -3.39 -23.38 16.24
CA HIS C 42 -1.93 -23.45 16.53
C HIS C 42 -1.25 -24.17 15.36
N PRO C 43 -1.09 -23.48 14.21
CA PRO C 43 -0.47 -24.10 13.03
C PRO C 43 0.96 -24.56 13.34
N ASP C 44 1.52 -25.44 12.50
CA ASP C 44 2.88 -26.05 12.73
C ASP C 44 3.94 -24.95 12.79
N LYS C 45 4.23 -24.28 11.67
CA LYS C 45 5.32 -23.26 11.61
C LYS C 45 4.71 -21.87 11.46
N LEU C 46 3.80 -21.49 12.38
CA LEU C 46 3.00 -20.24 12.29
C LEU C 46 3.89 -19.00 12.11
N GLU C 47 5.09 -18.98 12.69
CA GLU C 47 6.03 -17.84 12.63
C GLU C 47 6.52 -17.57 11.21
N GLU C 48 6.67 -18.60 10.36
CA GLU C 48 7.00 -18.46 8.92
C GLU C 48 5.73 -18.17 8.12
N LYS C 49 4.62 -18.83 8.47
CA LYS C 49 3.30 -18.72 7.77
C LYS C 49 2.87 -17.27 7.85
N PHE C 50 2.96 -16.64 9.04
CA PHE C 50 2.44 -15.27 9.30
C PHE C 50 3.03 -14.30 8.29
N PRO C 51 4.37 -14.22 8.09
CA PRO C 51 4.97 -13.36 7.07
C PRO C 51 4.47 -13.59 5.63
N GLN C 52 4.22 -14.85 5.26
CA GLN C 52 3.81 -15.25 3.89
C GLN C 52 2.35 -14.81 3.64
N VAL C 53 1.45 -15.14 4.56
CA VAL C 53 0.00 -14.74 4.53
C VAL C 53 -0.11 -13.23 4.74
N ALA C 54 0.66 -12.66 5.67
CA ALA C 54 0.53 -11.26 6.14
C ALA C 54 0.83 -10.29 4.98
N ALA C 55 1.65 -10.72 4.02
CA ALA C 55 2.07 -9.93 2.83
C ALA C 55 0.86 -9.68 1.90
N THR C 56 0.00 -10.69 1.75
CA THR C 56 -1.19 -10.73 0.85
C THR C 56 -2.45 -10.19 1.55
N GLY C 57 -2.31 -9.57 2.72
CA GLY C 57 -3.45 -9.11 3.55
C GLY C 57 -4.31 -10.26 4.08
N ASP C 58 -3.80 -11.50 4.06
CA ASP C 58 -4.39 -12.71 4.71
C ASP C 58 -3.74 -12.89 6.09
N GLY C 59 -4.19 -13.90 6.84
CA GLY C 59 -3.62 -14.34 8.13
C GLY C 59 -4.62 -14.18 9.27
N PRO C 60 -4.18 -14.45 10.53
CA PRO C 60 -5.02 -14.23 11.71
C PRO C 60 -5.04 -12.76 12.15
N ASP C 61 -5.99 -12.41 13.02
CA ASP C 61 -6.08 -11.05 13.65
C ASP C 61 -4.94 -10.87 14.66
N ILE C 62 -4.67 -11.89 15.46
CA ILE C 62 -3.68 -11.84 16.59
C ILE C 62 -2.67 -12.98 16.44
N ILE C 63 -1.39 -12.64 16.53
CA ILE C 63 -0.23 -13.60 16.51
C ILE C 63 0.49 -13.52 17.85
N PHE C 64 0.66 -14.64 18.53
CA PHE C 64 1.44 -14.75 19.79
C PHE C 64 2.79 -15.38 19.48
N TRP C 65 3.87 -14.67 19.77
CA TRP C 65 5.25 -15.18 19.58
C TRP C 65 6.21 -14.35 20.44
N ALA C 66 7.43 -14.86 20.61
CA ALA C 66 8.55 -14.09 21.21
C ALA C 66 8.70 -12.77 20.45
N HIS C 67 9.04 -11.70 21.17
CA HIS C 67 9.17 -10.32 20.64
C HIS C 67 10.30 -10.23 19.62
N ASP C 68 11.31 -11.10 19.73
CA ASP C 68 12.55 -11.04 18.90
C ASP C 68 12.17 -11.25 17.43
N ARG C 69 11.20 -12.11 17.14
CA ARG C 69 10.74 -12.33 15.75
C ARG C 69 9.82 -11.19 15.30
N PHE C 70 9.21 -10.46 16.25
CA PHE C 70 8.22 -9.37 16.03
C PHE C 70 8.88 -8.16 15.37
N GLY C 71 10.12 -7.81 15.71
CA GLY C 71 10.87 -6.72 15.05
C GLY C 71 11.04 -7.01 13.56
N GLY C 72 11.34 -8.26 13.22
CA GLY C 72 11.30 -8.74 11.82
C GLY C 72 10.00 -8.37 11.14
N TYR C 73 8.86 -8.56 11.82
CA TYR C 73 7.50 -8.31 11.27
C TYR C 73 7.29 -6.81 11.11
N ALA C 74 7.75 -5.97 12.03
CA ALA C 74 7.60 -4.49 11.96
C ALA C 74 8.38 -3.91 10.76
N GLN C 75 9.53 -4.51 10.41
CA GLN C 75 10.32 -4.16 9.18
C GLN C 75 9.58 -4.68 7.94
N ALA C 80 3.90 -5.77 8.66
CA ALA C 80 2.67 -6.57 8.85
C ALA C 80 2.04 -6.39 10.24
N GLU C 81 2.58 -5.51 11.11
CA GLU C 81 2.13 -5.35 12.53
C GLU C 81 1.54 -3.95 12.76
N ILE C 82 0.30 -3.88 13.25
CA ILE C 82 -0.40 -2.61 13.63
C ILE C 82 0.22 -2.08 14.92
N THR C 83 -0.06 -0.81 15.27
CA THR C 83 0.38 -0.15 16.54
C THR C 83 -0.78 -0.16 17.54
N PRO C 84 -0.58 -0.67 18.79
CA PRO C 84 -1.61 -0.62 19.82
C PRO C 84 -1.71 0.81 20.39
N ALA C 85 -2.83 1.11 21.05
CA ALA C 85 -3.08 2.42 21.70
C ALA C 85 -3.57 2.23 23.15
N ALA C 86 -2.67 2.20 24.14
CA ALA C 86 -2.99 2.12 25.60
C ALA C 86 -2.39 3.33 26.32
N ALA C 87 -3.17 4.00 27.18
CA ALA C 87 -2.74 5.24 27.90
C ALA C 87 -2.41 4.91 29.36
N PHE C 88 -3.40 4.49 30.13
CA PHE C 88 -3.26 4.21 31.59
C PHE C 88 -2.89 2.74 31.81
N GLN C 89 -2.34 2.03 30.82
CA GLN C 89 -1.94 0.59 30.96
C GLN C 89 -0.49 0.49 31.46
N ASP C 90 -0.28 0.96 32.68
CA ASP C 90 0.94 0.82 33.53
C ASP C 90 0.81 -0.47 34.35
N LYS C 91 -0.20 -1.28 34.04
CA LYS C 91 -0.45 -2.58 34.71
C LYS C 91 0.66 -3.55 34.29
N LEU C 92 1.38 -3.23 33.21
CA LEU C 92 2.55 -4.00 32.68
C LEU C 92 3.85 -3.26 33.04
N TYR C 93 4.91 -4.01 33.37
CA TYR C 93 6.27 -3.53 33.74
C TYR C 93 6.86 -2.72 32.59
N PRO C 94 7.50 -1.56 32.87
CA PRO C 94 7.98 -0.69 31.81
C PRO C 94 8.93 -1.40 30.84
N PHE C 95 9.70 -2.38 31.33
CA PHE C 95 10.76 -3.10 30.56
C PHE C 95 10.11 -4.04 29.56
N THR C 96 8.90 -4.52 29.83
CA THR C 96 8.14 -5.43 28.94
C THR C 96 7.64 -4.63 27.74
N TRP C 97 7.36 -3.34 27.93
CA TRP C 97 6.96 -2.45 26.84
C TRP C 97 8.14 -2.23 25.89
N ASP C 98 9.37 -2.19 26.42
CA ASP C 98 10.59 -1.92 25.61
C ASP C 98 10.87 -3.07 24.65
N ALA C 99 10.48 -4.30 25.02
CA ALA C 99 10.57 -5.49 24.14
C ALA C 99 9.71 -5.31 22.89
N VAL C 100 8.57 -4.61 22.99
CA VAL C 100 7.57 -4.50 21.89
C VAL C 100 7.59 -3.10 21.29
N ARG C 101 8.70 -2.38 21.46
CA ARG C 101 8.94 -1.06 20.82
C ARG C 101 9.82 -1.27 19.58
N TYR C 102 9.48 -0.61 18.47
CA TYR C 102 10.24 -0.63 17.20
C TYR C 102 10.22 0.76 16.56
N ASN C 103 11.39 1.40 16.46
CA ASN C 103 11.53 2.80 15.99
C ASN C 103 10.51 3.68 16.72
N GLY C 104 10.35 3.49 18.03
CA GLY C 104 9.52 4.37 18.90
C GLY C 104 8.06 3.97 18.95
N LYS C 105 7.59 3.10 18.04
CA LYS C 105 6.19 2.60 17.99
C LYS C 105 6.10 1.27 18.77
N LEU C 106 5.07 1.11 19.59
CA LEU C 106 4.67 -0.18 20.20
C LEU C 106 4.06 -1.05 19.09
N ILE C 107 4.45 -2.32 18.97
CA ILE C 107 3.99 -3.21 17.87
C ILE C 107 3.18 -4.38 18.44
N ALA C 108 3.18 -4.57 19.76
CA ALA C 108 2.45 -5.69 20.37
C ALA C 108 2.20 -5.40 21.84
N TYR C 109 1.41 -6.27 22.48
CA TYR C 109 1.18 -6.33 23.95
C TYR C 109 2.10 -7.39 24.55
N PRO C 110 3.01 -7.04 25.48
CA PRO C 110 3.84 -8.06 26.11
C PRO C 110 2.90 -8.91 26.96
N ILE C 111 3.15 -10.22 27.04
CA ILE C 111 2.24 -11.19 27.72
C ILE C 111 3.01 -11.88 28.84
N ALA C 112 4.16 -12.47 28.52
CA ALA C 112 4.95 -13.27 29.49
C ALA C 112 6.45 -13.08 29.25
N VAL C 113 7.23 -13.13 30.34
CA VAL C 113 8.72 -13.10 30.32
C VAL C 113 9.25 -14.52 30.42
N GLU C 114 9.77 -15.03 29.30
CA GLU C 114 10.27 -16.42 29.17
C GLU C 114 11.80 -16.38 29.21
N ALA C 115 12.40 -16.72 30.34
CA ALA C 115 13.86 -16.67 30.56
C ALA C 115 14.32 -18.03 31.04
N LEU C 116 15.49 -18.46 30.57
CA LEU C 116 16.15 -19.71 31.04
C LEU C 116 16.40 -19.64 32.54
N SER C 117 16.50 -20.80 33.16
CA SER C 117 16.82 -20.99 34.60
C SER C 117 17.68 -22.24 34.75
N LEU C 118 18.31 -22.40 35.91
CA LEU C 118 18.90 -23.70 36.27
C LEU C 118 17.77 -24.56 36.82
N ILE C 119 17.31 -25.56 36.05
CA ILE C 119 16.39 -26.62 36.56
C ILE C 119 17.25 -27.76 37.11
N TYR C 120 16.99 -28.22 38.32
CA TYR C 120 17.82 -29.23 39.04
C TYR C 120 16.91 -30.27 39.70
N ASN C 121 17.40 -31.53 39.74
CA ASN C 121 16.74 -32.70 40.38
C ASN C 121 16.98 -32.59 41.88
N LYS C 122 15.91 -32.46 42.67
CA LYS C 122 16.01 -32.30 44.15
C LYS C 122 16.44 -33.63 44.80
N ASP C 123 16.10 -34.76 44.17
CA ASP C 123 16.39 -36.12 44.71
C ASP C 123 17.86 -36.49 44.45
N LEU C 124 18.48 -35.99 43.38
CA LEU C 124 19.90 -36.24 43.01
C LEU C 124 20.82 -35.08 43.44
N LEU C 125 20.26 -33.98 43.96
CA LEU C 125 21.03 -32.76 44.29
C LEU C 125 20.13 -31.80 45.06
N PRO C 126 20.12 -31.91 46.41
CA PRO C 126 19.12 -31.19 47.21
C PRO C 126 19.43 -29.69 47.25
N ASN C 127 20.72 -29.32 47.15
CA ASN C 127 21.15 -27.91 47.02
C ASN C 127 22.10 -27.79 45.83
N PRO C 128 21.64 -27.16 44.73
CA PRO C 128 22.44 -27.06 43.50
C PRO C 128 23.64 -26.13 43.70
N PRO C 129 24.65 -26.19 42.80
CA PRO C 129 25.83 -25.33 42.91
C PRO C 129 25.46 -23.89 42.59
N LYS C 130 26.08 -22.93 43.26
CA LYS C 130 25.85 -21.49 42.99
C LYS C 130 26.82 -21.03 41.89
N THR C 131 27.87 -21.80 41.58
CA THR C 131 28.90 -21.40 40.58
C THR C 131 29.22 -22.52 39.58
N TRP C 132 29.51 -22.12 38.33
CA TRP C 132 29.94 -22.96 37.17
C TRP C 132 31.18 -23.77 37.54
N GLU C 133 32.14 -23.14 38.23
CA GLU C 133 33.44 -23.72 38.68
C GLU C 133 33.21 -25.00 39.49
N GLU C 134 32.13 -25.06 40.28
CA GLU C 134 31.74 -26.27 41.08
C GLU C 134 31.48 -27.45 40.13
N ILE C 135 30.76 -27.20 39.04
CA ILE C 135 30.18 -28.24 38.14
C ILE C 135 31.22 -29.33 37.88
N PRO C 136 32.45 -29.02 37.39
CA PRO C 136 33.47 -30.03 37.11
C PRO C 136 33.66 -31.00 38.28
N ALA C 137 33.87 -30.45 39.48
CA ALA C 137 34.02 -31.19 40.76
C ALA C 137 32.75 -31.97 41.07
N LEU C 138 31.57 -31.41 40.76
CA LEU C 138 30.25 -32.05 41.06
C LEU C 138 30.02 -33.23 40.10
N ASP C 139 30.41 -33.09 38.82
CA ASP C 139 30.22 -34.12 37.76
C ASP C 139 30.98 -35.40 38.15
N LYS C 140 32.21 -35.26 38.63
CA LYS C 140 33.06 -36.40 39.06
C LYS C 140 32.37 -37.13 40.20
N GLU C 141 31.75 -36.38 41.14
CA GLU C 141 31.02 -36.91 42.32
C GLU C 141 29.77 -37.68 41.85
N LEU C 142 29.08 -37.14 40.85
CA LEU C 142 27.85 -37.74 40.29
C LEU C 142 28.21 -38.90 39.36
N LYS C 143 29.34 -38.78 38.63
CA LYS C 143 29.87 -39.83 37.70
C LYS C 143 29.99 -41.16 38.45
N ALA C 144 30.65 -41.17 39.62
CA ALA C 144 30.88 -42.35 40.49
C ALA C 144 29.56 -43.00 40.95
N LYS C 145 28.48 -42.22 41.03
CA LYS C 145 27.11 -42.68 41.41
C LYS C 145 26.30 -43.06 40.15
N GLY C 146 26.88 -42.93 38.95
CA GLY C 146 26.29 -43.46 37.70
C GLY C 146 25.40 -42.46 36.98
N LYS C 147 25.63 -41.16 37.24
CA LYS C 147 24.87 -40.01 36.65
C LYS C 147 25.88 -38.95 36.20
N SER C 148 25.41 -37.98 35.41
CA SER C 148 26.16 -36.75 35.03
C SER C 148 25.58 -35.57 35.81
N ALA C 149 26.30 -34.43 35.85
CA ALA C 149 25.93 -33.22 36.63
C ALA C 149 24.96 -32.35 35.82
N LEU C 150 25.34 -32.08 34.58
CA LEU C 150 24.71 -31.04 33.73
C LEU C 150 24.59 -31.51 32.28
N MET C 151 23.45 -31.22 31.64
CA MET C 151 23.21 -31.55 30.22
C MET C 151 22.20 -30.55 29.66
N PHE C 152 22.63 -29.72 28.71
CA PHE C 152 21.74 -28.71 28.05
C PHE C 152 22.09 -28.57 26.57
N ASN C 153 21.14 -28.07 25.80
CA ASN C 153 21.29 -27.86 24.33
C ASN C 153 22.51 -26.97 24.07
N LEU C 154 23.62 -27.56 23.60
CA LEU C 154 24.90 -26.87 23.27
C LEU C 154 24.89 -26.37 21.81
N GLN C 155 24.06 -26.98 20.95
CA GLN C 155 24.01 -26.67 19.50
C GLN C 155 23.63 -25.21 19.31
N GLU C 156 22.55 -24.79 19.98
CA GLU C 156 21.96 -23.44 19.82
C GLU C 156 22.64 -22.44 20.75
N PRO C 157 23.07 -21.26 20.25
CA PRO C 157 23.69 -20.23 21.08
C PRO C 157 22.78 -19.56 22.11
N TYR C 158 21.45 -19.67 21.96
CA TYR C 158 20.48 -19.09 22.92
C TYR C 158 20.74 -19.68 24.30
N PHE C 159 21.03 -20.98 24.38
CA PHE C 159 21.24 -21.72 25.65
C PHE C 159 22.69 -21.57 26.14
N THR C 160 23.62 -21.36 25.20
CA THR C 160 25.08 -21.28 25.44
C THR C 160 25.46 -19.87 25.87
N TRP C 161 24.86 -18.87 25.24
CA TRP C 161 25.21 -17.43 25.37
C TRP C 161 25.25 -16.96 26.82
N PRO C 162 24.31 -17.35 27.71
CA PRO C 162 24.30 -16.83 29.08
C PRO C 162 25.66 -16.94 29.80
N LEU C 163 26.35 -18.08 29.68
CA LEU C 163 27.70 -18.36 30.26
C LEU C 163 28.76 -17.48 29.56
N ILE C 164 28.65 -17.30 28.24
CA ILE C 164 29.67 -16.56 27.45
C ILE C 164 29.60 -15.08 27.84
N ALA C 165 28.39 -14.59 28.10
CA ALA C 165 28.13 -13.15 28.32
C ALA C 165 28.37 -12.79 29.80
N ALA C 166 28.55 -13.77 30.68
CA ALA C 166 28.58 -13.57 32.15
C ALA C 166 29.69 -12.60 32.54
N ASP C 167 30.91 -12.77 32.03
CA ASP C 167 32.05 -11.88 32.41
C ASP C 167 32.18 -10.73 31.43
N GLY C 168 31.17 -10.52 30.59
CA GLY C 168 31.19 -9.46 29.56
C GLY C 168 31.03 -10.06 28.19
N GLY C 169 30.91 -9.22 27.17
CA GLY C 169 30.54 -9.71 25.84
C GLY C 169 29.06 -9.58 25.61
N TYR C 170 28.69 -9.18 24.41
CA TYR C 170 27.37 -8.59 24.06
C TYR C 170 27.20 -8.63 22.55
N ALA C 171 25.96 -8.79 22.11
CA ALA C 171 25.62 -8.79 20.68
C ALA C 171 26.08 -7.45 20.08
N PHE C 172 25.49 -6.33 20.49
CA PHE C 172 25.77 -4.98 19.93
C PHE C 172 25.77 -3.97 21.07
N LYS C 173 26.72 -3.05 21.08
CA LYS C 173 26.76 -2.02 22.14
C LYS C 173 25.55 -1.12 21.92
N TYR C 174 24.90 -0.68 23.00
CA TYR C 174 23.73 0.23 22.98
C TYR C 174 24.17 1.56 23.59
N ALA C 175 23.96 2.65 22.89
CA ALA C 175 24.31 4.01 23.35
C ALA C 175 23.52 5.05 22.56
N ALA C 176 23.05 6.10 23.24
CA ALA C 176 22.26 7.18 22.61
C ALA C 176 20.98 6.57 22.02
N GLY C 177 20.25 5.81 22.83
CA GLY C 177 18.94 5.23 22.52
C GLY C 177 18.95 4.42 21.23
N LYS C 178 20.11 3.85 20.87
CA LYS C 178 20.38 3.20 19.56
C LYS C 178 21.34 2.02 19.76
N TYR C 179 21.26 1.03 18.88
CA TYR C 179 22.21 -0.10 18.78
C TYR C 179 23.24 0.24 17.70
N ASP C 180 24.53 0.14 18.01
CA ASP C 180 25.63 0.34 17.04
C ASP C 180 25.98 -1.02 16.41
N ILE C 181 25.39 -1.33 15.24
CA ILE C 181 25.54 -2.64 14.54
C ILE C 181 27.03 -2.93 14.28
N LYS C 182 27.85 -1.89 14.06
CA LYS C 182 29.28 -2.10 13.72
C LYS C 182 30.05 -2.45 15.01
N ASP C 183 29.60 -1.99 16.20
CA ASP C 183 30.29 -2.31 17.49
C ASP C 183 29.70 -3.60 18.10
N VAL C 184 30.46 -4.69 18.02
CA VAL C 184 30.10 -6.05 18.51
C VAL C 184 31.06 -6.45 19.63
N GLY C 185 30.55 -7.19 20.62
CA GLY C 185 31.33 -7.68 21.77
C GLY C 185 31.34 -9.20 21.81
N VAL C 186 31.96 -9.83 20.83
CA VAL C 186 32.03 -11.32 20.79
C VAL C 186 33.49 -11.77 21.03
N ASP C 187 34.49 -10.96 20.63
CA ASP C 187 35.93 -11.30 20.82
C ASP C 187 36.46 -10.60 22.08
N ASN C 188 35.55 -10.20 22.99
CA ASN C 188 35.89 -9.60 24.31
C ASN C 188 36.69 -10.61 25.15
N ALA C 189 37.58 -10.12 26.01
CA ALA C 189 38.34 -10.93 26.99
C ALA C 189 37.35 -11.76 27.81
N GLY C 190 36.22 -11.16 28.19
CA GLY C 190 35.17 -11.78 29.03
C GLY C 190 34.40 -12.86 28.28
N ALA C 191 33.99 -12.56 27.05
CA ALA C 191 33.34 -13.53 26.13
C ALA C 191 34.27 -14.70 25.85
N LYS C 192 35.56 -14.42 25.69
CA LYS C 192 36.59 -15.46 25.40
C LYS C 192 36.67 -16.39 26.61
N ALA C 193 36.89 -15.83 27.80
CA ALA C 193 36.99 -16.55 29.08
C ALA C 193 35.74 -17.43 29.31
N GLY C 194 34.56 -16.94 28.92
CA GLY C 194 33.29 -17.67 29.11
C GLY C 194 33.22 -18.95 28.29
N LEU C 195 33.66 -18.87 27.02
CA LEU C 195 33.58 -19.98 26.03
C LEU C 195 34.59 -21.06 26.41
N THR C 196 35.84 -20.67 26.66
CA THR C 196 36.93 -21.63 26.97
C THR C 196 36.51 -22.51 28.14
N PHE C 197 35.75 -21.95 29.10
CA PHE C 197 35.27 -22.69 30.29
C PHE C 197 34.30 -23.78 29.84
N LEU C 198 33.38 -23.43 28.92
CA LEU C 198 32.36 -24.35 28.35
C LEU C 198 33.04 -25.44 27.52
N VAL C 199 34.05 -25.07 26.73
CA VAL C 199 34.87 -26.01 25.91
C VAL C 199 35.58 -26.97 26.88
N ASP C 200 36.20 -26.42 27.90
CA ASP C 200 36.93 -27.19 28.95
C ASP C 200 35.96 -28.18 29.62
N LEU C 201 34.69 -27.85 29.78
CA LEU C 201 33.70 -28.83 30.31
C LEU C 201 33.59 -30.01 29.34
N ILE C 202 33.61 -29.74 28.03
CA ILE C 202 33.53 -30.79 26.96
C ILE C 202 34.86 -31.50 26.83
N LYS C 203 35.99 -30.80 26.98
CA LYS C 203 37.36 -31.41 26.93
C LYS C 203 37.50 -32.41 28.06
N ASN C 204 37.24 -31.98 29.31
CA ASN C 204 37.29 -32.81 30.54
C ASN C 204 36.10 -33.79 30.56
N LYS C 205 35.27 -33.78 29.51
CA LYS C 205 34.19 -34.78 29.26
C LYS C 205 33.12 -34.69 30.36
N HIS C 206 32.82 -33.47 30.83
CA HIS C 206 31.69 -33.17 31.76
C HIS C 206 30.41 -32.91 30.96
N MET C 207 30.57 -32.56 29.68
CA MET C 207 29.47 -32.42 28.69
C MET C 207 29.97 -32.92 27.33
N ASN C 208 29.04 -33.27 26.42
CA ASN C 208 29.33 -33.70 25.03
C ASN C 208 28.90 -32.59 24.06
N ALA C 209 29.75 -32.23 23.09
CA ALA C 209 29.43 -31.26 22.02
C ALA C 209 28.18 -31.72 21.27
N ASP C 210 28.06 -33.03 21.06
CA ASP C 210 26.97 -33.73 20.34
C ASP C 210 25.59 -33.43 20.97
N THR C 211 25.53 -33.16 22.29
CA THR C 211 24.27 -33.00 23.09
C THR C 211 23.42 -31.89 22.49
N ASP C 212 22.13 -32.18 22.28
CA ASP C 212 21.13 -31.26 21.71
C ASP C 212 19.96 -31.15 22.69
N TYR C 213 18.92 -30.38 22.34
CA TYR C 213 17.75 -30.06 23.20
C TYR C 213 17.05 -31.36 23.62
N SER C 214 16.85 -32.28 22.65
CA SER C 214 16.10 -33.56 22.79
C SER C 214 16.81 -34.50 23.77
N ILE C 215 18.12 -34.68 23.60
CA ILE C 215 18.99 -35.55 24.46
C ILE C 215 18.96 -35.01 25.90
N ALA C 216 19.19 -33.70 26.04
CA ALA C 216 19.20 -32.98 27.34
C ALA C 216 17.82 -33.12 27.99
N GLU C 217 16.75 -32.76 27.29
CA GLU C 217 15.38 -32.91 27.84
C GLU C 217 15.20 -34.33 28.37
N ALA C 218 15.53 -35.35 27.57
CA ALA C 218 15.23 -36.78 27.84
C ALA C 218 16.01 -37.25 29.06
N ALA C 219 17.27 -36.83 29.18
CA ALA C 219 18.17 -37.17 30.30
C ALA C 219 17.57 -36.64 31.61
N PHE C 220 17.23 -35.36 31.66
CA PHE C 220 16.66 -34.73 32.88
C PHE C 220 15.28 -35.31 33.18
N ASN C 221 14.41 -35.46 32.17
CA ASN C 221 13.03 -35.94 32.36
C ASN C 221 13.07 -37.40 32.88
N LYS C 222 14.01 -38.21 32.39
CA LYS C 222 14.12 -39.63 32.83
C LYS C 222 14.97 -39.72 34.09
N GLY C 223 15.50 -38.59 34.58
CA GLY C 223 16.17 -38.43 35.87
C GLY C 223 17.57 -39.02 35.89
N GLU C 224 18.32 -38.89 34.79
CA GLU C 224 19.69 -39.44 34.57
C GLU C 224 20.75 -38.37 34.83
N THR C 225 20.37 -37.09 34.73
CA THR C 225 21.22 -35.91 34.98
C THR C 225 20.61 -35.05 36.07
N ALA C 226 21.48 -34.47 36.91
CA ALA C 226 21.10 -33.71 38.12
C ALA C 226 20.50 -32.37 37.71
N MET C 227 21.07 -31.71 36.69
CA MET C 227 20.57 -30.39 36.24
C MET C 227 20.43 -30.33 34.72
N THR C 228 19.58 -29.42 34.26
CA THR C 228 19.47 -28.93 32.85
C THR C 228 19.29 -27.41 32.87
N ILE C 229 19.22 -26.82 31.67
CA ILE C 229 18.97 -25.37 31.47
C ILE C 229 17.84 -25.26 30.43
N ASN C 230 16.69 -24.73 30.83
CA ASN C 230 15.55 -24.62 29.91
C ASN C 230 14.58 -23.57 30.44
N GLY C 231 13.59 -23.25 29.62
CA GLY C 231 12.58 -22.23 29.95
C GLY C 231 11.34 -22.87 30.57
N PRO C 232 10.32 -22.02 30.83
CA PRO C 232 9.04 -22.50 31.32
C PRO C 232 8.21 -23.25 30.25
N TRP C 233 8.61 -23.15 28.98
CA TRP C 233 8.02 -23.94 27.87
C TRP C 233 8.15 -25.45 28.14
N ALA C 234 9.23 -25.87 28.82
CA ALA C 234 9.62 -27.28 29.08
C ALA C 234 9.21 -27.72 30.48
N TRP C 235 8.47 -26.89 31.21
CA TRP C 235 8.06 -27.18 32.60
C TRP C 235 7.01 -28.30 32.60
N SER C 236 6.07 -28.26 31.65
CA SER C 236 4.95 -29.24 31.58
C SER C 236 5.47 -30.67 31.39
N ASN C 237 6.49 -30.89 30.55
CA ASN C 237 7.08 -32.23 30.26
C ASN C 237 7.81 -32.80 31.48
N ILE C 238 8.28 -31.94 32.39
CA ILE C 238 8.95 -32.36 33.66
C ILE C 238 7.85 -32.76 34.66
N ASP C 239 6.72 -32.06 34.64
CA ASP C 239 5.52 -32.37 35.45
C ASP C 239 5.03 -33.79 35.13
N THR C 240 4.85 -34.11 33.83
CA THR C 240 4.52 -35.46 33.30
C THR C 240 5.54 -36.48 33.85
N SER C 241 6.83 -36.16 33.74
CA SER C 241 7.97 -37.05 34.08
C SER C 241 7.99 -37.42 35.58
N ALA C 242 7.20 -36.73 36.40
CA ALA C 242 7.11 -36.92 37.87
C ALA C 242 8.54 -37.07 38.44
N VAL C 243 9.38 -36.06 38.18
CA VAL C 243 10.76 -35.91 38.71
C VAL C 243 10.77 -34.67 39.61
N ASN C 244 10.94 -34.87 40.91
CA ASN C 244 10.97 -33.77 41.91
C ASN C 244 12.07 -32.79 41.46
N TYR C 245 11.65 -31.66 40.86
CA TYR C 245 12.55 -30.65 40.26
C TYR C 245 12.37 -29.29 40.95
N GLY C 246 13.42 -28.48 40.90
CA GLY C 246 13.42 -27.06 41.28
C GLY C 246 13.89 -26.19 40.13
N VAL C 247 13.54 -24.90 40.17
CA VAL C 247 14.06 -23.84 39.26
C VAL C 247 14.69 -22.75 40.13
N THR C 248 15.93 -22.35 39.84
CA THR C 248 16.69 -21.33 40.62
C THR C 248 17.61 -20.56 39.69
N VAL C 249 18.27 -19.54 40.24
CA VAL C 249 19.20 -18.62 39.53
C VAL C 249 20.22 -19.46 38.79
N LEU C 250 20.51 -19.09 37.54
CA LEU C 250 21.63 -19.68 36.75
C LEU C 250 22.94 -19.44 37.50
N PRO C 251 23.83 -20.44 37.48
CA PRO C 251 25.10 -20.35 38.20
C PRO C 251 25.96 -19.18 37.71
N THR C 252 26.66 -18.53 38.65
CA THR C 252 27.58 -17.40 38.41
C THR C 252 28.84 -17.95 37.74
N PHE C 253 29.58 -17.09 37.04
CA PHE C 253 30.90 -17.39 36.43
C PHE C 253 31.83 -16.19 36.70
N LYS C 254 32.97 -16.43 37.33
CA LYS C 254 33.87 -15.38 37.88
C LYS C 254 33.08 -14.45 38.80
N GLY C 255 32.15 -15.02 39.58
CA GLY C 255 31.35 -14.31 40.59
C GLY C 255 30.25 -13.46 39.98
N GLN C 256 30.11 -13.48 38.66
CA GLN C 256 29.16 -12.61 37.92
C GLN C 256 28.00 -13.45 37.41
N PRO C 257 26.77 -12.88 37.36
CA PRO C 257 25.62 -13.62 36.87
C PRO C 257 25.79 -14.04 35.41
N SER C 258 25.18 -15.17 35.08
CA SER C 258 24.91 -15.58 33.68
C SER C 258 23.84 -14.64 33.11
N LYS C 259 24.09 -14.06 31.93
CA LYS C 259 23.29 -12.97 31.32
C LYS C 259 22.53 -13.51 30.11
N PRO C 260 21.50 -14.36 30.32
CA PRO C 260 20.77 -14.93 29.19
C PRO C 260 20.03 -13.83 28.42
N PHE C 261 19.99 -13.89 27.10
CA PHE C 261 19.06 -13.04 26.33
C PHE C 261 17.64 -13.52 26.64
N VAL C 262 16.72 -12.59 26.92
CA VAL C 262 15.34 -12.94 27.39
C VAL C 262 14.33 -12.54 26.32
N GLY C 263 13.45 -13.48 25.96
CA GLY C 263 12.35 -13.30 25.00
C GLY C 263 11.02 -13.15 25.73
N VAL C 264 10.37 -11.99 25.55
CA VAL C 264 9.02 -11.66 26.07
C VAL C 264 7.97 -12.12 25.05
N LEU C 265 7.13 -13.09 25.43
CA LEU C 265 5.99 -13.54 24.62
C LEU C 265 5.06 -12.34 24.46
N SER C 266 4.71 -12.00 23.22
CA SER C 266 3.88 -10.83 22.92
C SER C 266 2.77 -11.21 21.94
N ALA C 267 1.70 -10.42 21.97
CA ALA C 267 0.54 -10.51 21.04
C ALA C 267 0.53 -9.23 20.19
N GLY C 268 0.77 -9.38 18.89
CA GLY C 268 0.70 -8.30 17.89
C GLY C 268 -0.56 -8.42 17.06
N ILE C 269 -0.94 -7.37 16.34
CA ILE C 269 -2.18 -7.32 15.52
C ILE C 269 -1.83 -7.10 14.05
N ASN C 270 -2.25 -8.03 13.20
CA ASN C 270 -2.13 -7.96 11.71
C ASN C 270 -2.71 -6.60 11.27
N ALA C 271 -1.94 -5.83 10.49
CA ALA C 271 -2.33 -4.51 9.94
C ALA C 271 -3.32 -4.70 8.78
N ALA C 272 -3.59 -5.95 8.39
CA ALA C 272 -4.56 -6.34 7.35
C ALA C 272 -5.82 -6.94 8.00
N SER C 273 -5.96 -6.78 9.31
CA SER C 273 -7.14 -7.21 10.09
C SER C 273 -8.07 -6.01 10.24
N PRO C 274 -9.39 -6.17 9.97
CA PRO C 274 -10.34 -5.08 10.22
C PRO C 274 -10.68 -5.00 11.71
N ASN C 275 -10.40 -6.08 12.44
CA ASN C 275 -10.88 -6.32 13.83
C ASN C 275 -9.88 -5.74 14.84
N LYS C 276 -9.21 -4.63 14.49
CA LYS C 276 -8.13 -4.05 15.31
C LYS C 276 -8.70 -3.53 16.63
N GLU C 277 -9.92 -2.98 16.63
CA GLU C 277 -10.50 -2.41 17.87
C GLU C 277 -11.07 -3.54 18.73
N LEU C 278 -11.66 -4.57 18.12
CA LEU C 278 -12.13 -5.80 18.82
C LEU C 278 -10.92 -6.40 19.56
N ALA C 279 -9.82 -6.61 18.83
CA ALA C 279 -8.59 -7.30 19.29
C ALA C 279 -8.00 -6.57 20.51
N LYS C 280 -8.05 -5.24 20.51
CA LYS C 280 -7.57 -4.40 21.63
C LYS C 280 -8.40 -4.75 22.88
N GLU C 281 -9.73 -4.79 22.75
CA GLU C 281 -10.68 -5.05 23.86
C GLU C 281 -10.38 -6.42 24.47
N PHE C 282 -10.22 -7.44 23.63
CA PHE C 282 -9.87 -8.82 24.08
C PHE C 282 -8.52 -8.81 24.81
N LEU C 283 -7.54 -8.08 24.28
CA LEU C 283 -6.14 -8.13 24.79
C LEU C 283 -6.02 -7.35 26.11
N GLU C 284 -6.45 -6.08 26.14
CA GLU C 284 -6.32 -5.20 27.32
C GLU C 284 -7.29 -5.63 28.43
N ASN C 285 -8.51 -6.05 28.09
CA ASN C 285 -9.62 -6.15 29.07
C ASN C 285 -10.03 -7.61 29.37
N TYR C 286 -9.62 -8.60 28.58
CA TYR C 286 -9.96 -10.04 28.78
C TYR C 286 -8.71 -10.86 29.09
N LEU C 287 -7.63 -10.72 28.31
CA LEU C 287 -6.41 -11.55 28.43
C LEU C 287 -5.48 -10.95 29.49
N LEU C 288 -5.20 -9.64 29.43
CA LEU C 288 -4.30 -8.96 30.40
C LEU C 288 -5.05 -8.66 31.70
N THR C 289 -5.54 -9.70 32.36
CA THR C 289 -6.21 -9.65 33.68
C THR C 289 -5.87 -10.93 34.44
N ASP C 290 -5.76 -10.86 35.77
CA ASP C 290 -5.38 -12.01 36.62
C ASP C 290 -6.13 -13.26 36.13
N GLU C 291 -7.45 -13.17 35.98
CA GLU C 291 -8.33 -14.32 35.63
C GLU C 291 -7.93 -14.80 34.22
N GLY C 292 -7.74 -13.88 33.28
CA GLY C 292 -7.31 -14.18 31.89
C GLY C 292 -6.00 -14.93 31.83
N LEU C 293 -4.92 -14.35 32.36
CA LEU C 293 -3.56 -14.95 32.35
C LEU C 293 -3.59 -16.28 33.10
N GLU C 294 -4.33 -16.35 34.22
CA GLU C 294 -4.47 -17.59 35.04
C GLU C 294 -5.06 -18.71 34.18
N ALA C 295 -6.03 -18.40 33.33
CA ALA C 295 -6.73 -19.38 32.47
C ALA C 295 -5.70 -20.08 31.58
N VAL C 296 -4.78 -19.32 30.98
CA VAL C 296 -3.75 -19.89 30.06
C VAL C 296 -2.64 -20.54 30.91
N ASN C 297 -2.26 -19.92 32.03
CA ASN C 297 -1.18 -20.45 32.91
C ASN C 297 -1.57 -21.84 33.43
N LYS C 298 -2.85 -22.07 33.70
CA LYS C 298 -3.40 -23.37 34.22
C LYS C 298 -3.25 -24.46 33.17
N ASP C 299 -3.45 -24.12 31.89
CA ASP C 299 -3.37 -25.08 30.76
C ASP C 299 -1.92 -25.52 30.57
N LYS C 300 -1.02 -24.54 30.38
CA LYS C 300 0.46 -24.71 30.32
C LYS C 300 1.11 -23.43 30.84
N PRO C 301 2.07 -23.53 31.79
CA PRO C 301 2.58 -22.36 32.52
C PRO C 301 3.32 -21.35 31.63
N LEU C 302 3.09 -20.06 31.87
CA LEU C 302 3.70 -18.97 31.07
C LEU C 302 5.07 -18.59 31.61
N GLY C 303 5.43 -19.10 32.80
CA GLY C 303 6.52 -18.55 33.62
C GLY C 303 6.13 -17.20 34.20
N ALA C 304 7.03 -16.21 34.13
CA ALA C 304 6.82 -14.82 34.62
C ALA C 304 5.88 -14.11 33.64
N VAL C 305 5.15 -13.09 34.11
CA VAL C 305 4.15 -12.33 33.29
C VAL C 305 4.42 -10.81 33.35
N ALA C 306 4.16 -10.12 32.24
CA ALA C 306 4.30 -8.66 32.10
C ALA C 306 3.29 -7.90 32.98
N LEU C 307 2.12 -8.48 33.27
CA LEU C 307 1.07 -7.83 34.13
C LEU C 307 1.52 -7.91 35.60
N LYS C 308 1.62 -6.75 36.27
CA LYS C 308 2.18 -6.61 37.65
C LYS C 308 1.24 -7.29 38.66
N SER C 309 -0.06 -7.04 38.54
CA SER C 309 -1.15 -7.71 39.28
C SER C 309 -0.82 -9.20 39.48
N TYR C 310 -0.76 -9.98 38.39
CA TYR C 310 -0.67 -11.46 38.43
C TYR C 310 0.78 -11.88 38.65
N GLU C 311 1.74 -10.99 38.43
CA GLU C 311 3.19 -11.31 38.63
C GLU C 311 3.47 -11.39 40.14
N GLU C 312 2.88 -10.47 40.93
CA GLU C 312 3.05 -10.42 42.40
C GLU C 312 2.42 -11.66 43.03
N GLU C 313 1.30 -12.13 42.47
CA GLU C 313 0.67 -13.44 42.85
C GLU C 313 1.65 -14.57 42.51
N LEU C 314 2.07 -14.66 41.24
CA LEU C 314 2.83 -15.80 40.65
C LEU C 314 4.24 -15.89 41.24
N ALA C 315 4.87 -14.77 41.59
CA ALA C 315 6.23 -14.71 42.21
C ALA C 315 6.26 -15.45 43.56
N LYS C 316 5.10 -15.81 44.12
CA LYS C 316 4.99 -16.65 45.35
C LYS C 316 5.54 -18.06 45.05
N ASP C 317 5.40 -18.52 43.81
CA ASP C 317 6.07 -19.75 43.31
C ASP C 317 7.56 -19.45 43.12
N PRO C 318 8.46 -20.28 43.71
CA PRO C 318 9.90 -20.04 43.60
C PRO C 318 10.45 -20.10 42.17
N ARG C 319 9.73 -20.80 41.28
CA ARG C 319 10.09 -21.00 39.85
C ARG C 319 9.89 -19.69 39.08
N ILE C 320 8.80 -18.98 39.38
CA ILE C 320 8.48 -17.67 38.75
C ILE C 320 9.40 -16.60 39.33
N ALA C 321 9.64 -16.65 40.65
CA ALA C 321 10.61 -15.79 41.37
C ALA C 321 11.99 -15.94 40.74
N ALA C 322 12.36 -17.19 40.42
CA ALA C 322 13.66 -17.59 39.81
C ALA C 322 13.71 -17.10 38.37
N THR C 323 12.60 -17.20 37.62
CA THR C 323 12.54 -16.86 36.18
C THR C 323 12.74 -15.34 36.04
N MET C 324 12.02 -14.53 36.81
CA MET C 324 12.18 -13.06 36.80
C MET C 324 13.63 -12.71 37.22
N GLU C 325 14.16 -13.36 38.25
CA GLU C 325 15.53 -13.11 38.77
C GLU C 325 16.55 -13.30 37.63
N ASN C 326 16.48 -14.43 36.93
CA ASN C 326 17.39 -14.76 35.79
C ASN C 326 17.18 -13.74 34.66
N ALA C 327 15.96 -13.23 34.52
CA ALA C 327 15.57 -12.23 33.50
C ALA C 327 16.19 -10.87 33.83
N GLN C 328 16.15 -10.48 35.10
CA GLN C 328 16.69 -9.18 35.57
C GLN C 328 18.21 -9.18 35.40
N LYS C 329 18.87 -10.28 35.76
CA LYS C 329 20.33 -10.43 35.60
C LYS C 329 20.68 -10.55 34.12
N GLY C 330 19.76 -11.12 33.33
CA GLY C 330 19.87 -11.15 31.86
C GLY C 330 19.43 -9.84 31.23
N GLU C 331 19.43 -9.78 29.89
CA GLU C 331 18.95 -8.63 29.10
C GLU C 331 17.89 -9.10 28.10
N ILE C 332 16.94 -8.22 27.82
CA ILE C 332 15.89 -8.42 26.77
C ILE C 332 16.62 -8.68 25.45
N MET C 333 16.16 -9.65 24.67
CA MET C 333 16.74 -9.90 23.34
C MET C 333 16.49 -8.66 22.50
N PRO C 334 17.49 -8.15 21.73
CA PRO C 334 17.23 -7.10 20.74
C PRO C 334 16.38 -7.66 19.58
N ASN C 335 15.45 -6.85 19.05
CA ASN C 335 14.56 -7.26 17.92
C ASN C 335 14.98 -6.48 16.66
N ILE C 336 16.21 -6.00 16.61
CA ILE C 336 16.77 -5.35 15.38
C ILE C 336 17.16 -6.46 14.43
N PRO C 337 17.09 -6.23 13.10
CA PRO C 337 17.27 -7.29 12.11
C PRO C 337 18.63 -8.01 12.15
N GLN C 338 19.68 -7.32 12.64
CA GLN C 338 21.10 -7.78 12.62
CA GLN C 338 21.10 -7.78 12.61
C GLN C 338 21.32 -8.90 13.66
N MET C 339 20.35 -9.15 14.53
CA MET C 339 20.45 -10.26 15.52
C MET C 339 20.60 -11.60 14.77
N SER C 340 19.95 -11.75 13.61
CA SER C 340 20.00 -12.99 12.78
C SER C 340 21.44 -13.29 12.34
N ALA C 341 22.24 -12.24 12.14
CA ALA C 341 23.69 -12.30 11.86
C ALA C 341 24.45 -12.76 13.12
N PHE C 342 24.19 -12.13 14.26
CA PHE C 342 24.82 -12.44 15.56
C PHE C 342 24.62 -13.93 15.86
N TRP C 343 23.36 -14.35 16.00
CA TRP C 343 22.95 -15.75 16.30
C TRP C 343 23.69 -16.71 15.36
N TYR C 344 23.65 -16.45 14.05
CA TYR C 344 24.33 -17.27 13.02
C TYR C 344 25.83 -17.36 13.35
N ALA C 345 26.48 -16.22 13.62
CA ALA C 345 27.95 -16.12 13.85
C ALA C 345 28.35 -16.87 15.12
N VAL C 346 27.56 -16.69 16.20
CA VAL C 346 27.81 -17.26 17.56
C VAL C 346 27.54 -18.77 17.55
N ARG C 347 26.49 -19.22 16.84
CA ARG C 347 26.15 -20.66 16.69
C ARG C 347 27.35 -21.38 16.08
N THR C 348 28.01 -20.73 15.12
CA THR C 348 29.15 -21.28 14.35
C THR C 348 30.42 -21.32 15.20
N ALA C 349 30.69 -20.28 15.98
CA ALA C 349 31.91 -20.21 16.84
C ALA C 349 31.86 -21.32 17.90
N VAL C 350 30.75 -21.43 18.63
CA VAL C 350 30.54 -22.44 19.72
C VAL C 350 30.70 -23.83 19.11
N ILE C 351 29.98 -24.12 18.03
CA ILE C 351 30.01 -25.46 17.37
C ILE C 351 31.46 -25.79 17.00
N ASN C 352 32.22 -24.78 16.53
CA ASN C 352 33.61 -24.92 16.05
C ASN C 352 34.57 -25.08 17.24
N ALA C 353 34.35 -24.36 18.33
CA ALA C 353 35.20 -24.46 19.54
C ALA C 353 35.04 -25.83 20.19
N ALA C 354 33.80 -26.35 20.22
CA ALA C 354 33.40 -27.64 20.84
C ALA C 354 33.98 -28.81 20.04
N SER C 355 34.00 -28.68 18.72
CA SER C 355 34.53 -29.67 17.77
C SER C 355 36.06 -29.70 17.81
N GLY C 356 36.71 -28.57 18.16
CA GLY C 356 38.17 -28.38 18.07
C GLY C 356 38.58 -27.79 16.73
N ARG C 357 37.62 -27.69 15.81
CA ARG C 357 37.77 -27.15 14.43
C ARG C 357 38.48 -25.79 14.46
N GLN C 358 38.21 -25.01 15.49
CA GLN C 358 38.89 -23.71 15.75
C GLN C 358 39.28 -23.68 17.23
N THR C 359 40.21 -22.80 17.58
CA THR C 359 40.50 -22.40 18.98
C THR C 359 39.32 -21.54 19.45
N VAL C 360 39.28 -21.20 20.74
CA VAL C 360 38.25 -20.27 21.29
C VAL C 360 38.54 -18.87 20.74
N ASP C 361 39.83 -18.50 20.65
CA ASP C 361 40.27 -17.16 20.17
C ASP C 361 40.01 -17.02 18.67
N GLU C 362 40.18 -18.10 17.91
CA GLU C 362 39.94 -18.16 16.44
C GLU C 362 38.44 -18.03 16.13
N ALA C 363 37.60 -18.79 16.85
CA ALA C 363 36.14 -18.90 16.65
C ALA C 363 35.48 -17.54 16.87
N LEU C 364 35.89 -16.83 17.94
CA LEU C 364 35.27 -15.55 18.37
C LEU C 364 35.76 -14.41 17.47
N LYS C 365 36.98 -14.48 16.94
CA LYS C 365 37.48 -13.52 15.93
C LYS C 365 36.59 -13.66 14.68
N ASP C 366 36.43 -14.90 14.20
CA ASP C 366 35.56 -15.21 13.04
C ASP C 366 34.15 -14.75 13.39
N ALA C 367 33.65 -15.11 14.57
CA ALA C 367 32.29 -14.76 15.05
C ALA C 367 32.10 -13.24 15.05
N GLN C 368 33.16 -12.44 15.24
CA GLN C 368 33.04 -10.97 15.44
C GLN C 368 32.82 -10.24 14.10
N THR C 369 33.53 -10.64 13.05
CA THR C 369 33.28 -10.13 11.67
C THR C 369 31.92 -10.65 11.21
N ASN C 370 31.69 -11.97 11.29
CA ASN C 370 30.44 -12.63 10.83
C ASN C 370 29.19 -11.92 11.42
N ALA C 371 29.23 -11.51 12.69
CA ALA C 371 28.05 -10.92 13.39
C ALA C 371 27.76 -9.52 12.87
N ALA C 372 28.80 -8.79 12.43
CA ALA C 372 28.75 -7.39 11.98
C ALA C 372 28.48 -7.29 10.47
N ALA C 373 28.52 -8.40 9.72
CA ALA C 373 28.38 -8.42 8.24
C ALA C 373 26.92 -8.16 7.85
N MET C 374 26.69 -7.28 6.87
CA MET C 374 25.33 -6.95 6.37
C MET C 374 24.76 -8.18 5.65
N GLY C 375 23.51 -8.56 5.97
CA GLY C 375 22.79 -9.70 5.36
C GLY C 375 22.82 -9.61 3.85
N VAL C 376 22.37 -8.46 3.32
CA VAL C 376 22.45 -8.14 1.86
C VAL C 376 22.94 -6.70 1.70
N GLN C 377 23.85 -6.48 0.76
CA GLN C 377 24.41 -5.15 0.41
C GLN C 377 24.13 -4.93 -1.07
N VAL C 378 23.47 -3.82 -1.41
CA VAL C 378 23.04 -3.45 -2.79
C VAL C 378 23.97 -2.35 -3.31
N GLU C 379 24.70 -2.62 -4.40
CA GLU C 379 25.63 -1.67 -5.06
C GLU C 379 25.23 -1.51 -6.53
N THR C 380 24.83 -0.31 -6.95
CA THR C 380 24.27 -0.04 -8.32
C THR C 380 25.34 -0.39 -9.37
N ILE C 381 24.95 -1.13 -10.39
CA ILE C 381 25.75 -1.29 -11.64
C ILE C 381 25.23 -0.25 -12.63
N SER C 382 23.91 -0.28 -12.88
CA SER C 382 23.19 0.71 -13.73
C SER C 382 21.99 1.23 -12.95
N PRO C 383 21.81 2.56 -12.83
CA PRO C 383 20.62 3.13 -12.17
C PRO C 383 19.29 2.86 -12.89
N GLY C 384 18.19 2.83 -12.13
CA GLY C 384 16.81 2.72 -12.64
C GLY C 384 16.21 4.10 -12.86
N ASP C 385 14.87 4.21 -12.77
CA ASP C 385 14.15 5.50 -12.81
C ASP C 385 14.33 6.20 -11.46
N GLY C 386 14.47 5.43 -10.37
CA GLY C 386 14.66 5.93 -9.00
C GLY C 386 13.36 6.42 -8.37
N ARG C 387 12.21 5.98 -8.90
CA ARG C 387 10.85 6.31 -8.42
C ARG C 387 10.12 5.01 -8.08
N THR C 388 10.15 4.02 -8.98
CA THR C 388 9.41 2.75 -8.89
C THR C 388 10.19 1.75 -8.02
N PHE C 389 9.59 1.26 -6.94
CA PHE C 389 10.18 0.26 -6.04
C PHE C 389 9.18 -0.87 -5.84
N PRO C 390 9.64 -2.13 -5.80
CA PRO C 390 8.75 -3.27 -5.62
C PRO C 390 7.99 -3.22 -4.27
N LYS C 391 6.73 -3.65 -4.27
CA LYS C 391 5.89 -3.76 -3.06
C LYS C 391 5.57 -5.25 -2.82
N ARG C 392 5.24 -5.62 -1.59
CA ARG C 392 4.82 -7.00 -1.21
C ARG C 392 3.60 -7.38 -2.05
N GLY C 393 3.62 -8.57 -2.67
CA GLY C 393 2.51 -9.10 -3.50
C GLY C 393 2.67 -8.74 -4.97
N GLN C 394 3.71 -7.97 -5.32
CA GLN C 394 4.09 -7.65 -6.73
C GLN C 394 5.10 -8.69 -7.20
N THR C 395 4.90 -9.25 -8.39
CA THR C 395 5.87 -10.14 -9.07
C THR C 395 7.01 -9.28 -9.65
N CYS C 396 8.28 -9.60 -9.36
CA CYS C 396 9.47 -8.91 -9.94
C CYS C 396 10.04 -9.75 -11.09
N VAL C 397 10.08 -9.19 -12.31
CA VAL C 397 10.71 -9.84 -13.50
C VAL C 397 12.17 -9.35 -13.59
N VAL C 398 13.12 -10.27 -13.43
CA VAL C 398 14.58 -9.95 -13.37
C VAL C 398 15.37 -10.90 -14.26
N HIS C 399 16.50 -10.40 -14.73
CA HIS C 399 17.68 -11.19 -15.18
C HIS C 399 18.73 -11.12 -14.06
N TYR C 400 19.40 -12.23 -13.78
CA TYR C 400 20.42 -12.36 -12.71
C TYR C 400 21.52 -13.32 -13.14
N THR C 401 22.67 -13.20 -12.47
CA THR C 401 23.83 -14.14 -12.54
C THR C 401 24.17 -14.53 -11.10
N GLY C 402 24.38 -15.82 -10.84
CA GLY C 402 24.64 -16.37 -9.49
C GLY C 402 26.07 -16.85 -9.39
N MET C 403 26.75 -16.49 -8.29
CA MET C 403 28.20 -16.74 -8.12
C MET C 403 28.54 -16.86 -6.63
N LEU C 404 29.44 -17.78 -6.29
CA LEU C 404 30.13 -17.79 -4.97
C LEU C 404 31.13 -16.64 -4.95
N GLU C 405 31.27 -15.96 -3.82
CA GLU C 405 32.15 -14.76 -3.71
C GLU C 405 33.58 -15.15 -4.13
N GLY D 2 35.44 -18.03 -6.29
CA GLY D 2 34.77 -17.47 -7.48
C GLY D 2 34.31 -18.55 -8.46
N LYS D 3 33.01 -18.86 -8.49
CA LYS D 3 32.40 -19.87 -9.40
C LYS D 3 30.93 -19.51 -9.70
N LYS D 4 30.60 -19.33 -10.98
CA LYS D 4 29.21 -19.07 -11.46
C LYS D 4 28.41 -20.37 -11.30
N PHE D 5 27.29 -20.32 -10.58
CA PHE D 5 26.39 -21.50 -10.36
C PHE D 5 25.12 -21.38 -11.20
N ASP D 6 24.66 -20.16 -11.49
CA ASP D 6 23.44 -19.95 -12.30
C ASP D 6 23.56 -18.64 -13.09
N SER D 7 22.84 -18.57 -14.19
CA SER D 7 22.69 -17.36 -15.04
C SER D 7 21.38 -17.46 -15.83
N SER D 8 20.42 -16.64 -15.44
CA SER D 8 19.16 -16.40 -16.18
C SER D 8 19.47 -15.95 -17.61
N ARG D 9 20.49 -15.09 -17.78
CA ARG D 9 20.90 -14.49 -19.08
C ARG D 9 21.31 -15.60 -20.04
N ASP D 10 22.01 -16.61 -19.53
CA ASP D 10 22.48 -17.76 -20.34
C ASP D 10 21.25 -18.49 -20.91
N ARG D 11 20.22 -18.73 -20.08
CA ARG D 11 18.94 -19.38 -20.52
C ARG D 11 18.17 -18.44 -21.47
N ASN D 12 18.32 -17.12 -21.32
CA ASN D 12 17.68 -16.06 -22.13
C ASN D 12 16.19 -15.94 -21.78
N LYS D 13 15.81 -16.45 -20.62
CA LYS D 13 14.42 -16.41 -20.10
C LYS D 13 14.48 -15.63 -18.80
N PRO D 14 13.68 -14.55 -18.62
CA PRO D 14 13.64 -13.83 -17.34
C PRO D 14 13.20 -14.74 -16.17
N PHE D 15 13.44 -14.29 -14.94
CA PHE D 15 13.09 -15.02 -13.69
C PHE D 15 12.15 -14.15 -12.86
N LYS D 16 11.09 -14.76 -12.33
CA LYS D 16 9.94 -14.04 -11.70
C LYS D 16 9.71 -14.60 -10.30
N PHE D 17 9.44 -13.72 -9.35
CA PHE D 17 9.23 -14.08 -7.92
C PHE D 17 8.36 -12.99 -7.28
N MET D 18 7.37 -13.42 -6.51
CA MET D 18 6.49 -12.54 -5.70
C MET D 18 7.28 -12.14 -4.45
N LEU D 19 7.62 -10.86 -4.36
CA LEU D 19 8.35 -10.27 -3.21
C LEU D 19 7.49 -10.46 -1.96
N GLY D 20 8.08 -10.97 -0.86
CA GLY D 20 7.45 -11.05 0.47
C GLY D 20 6.78 -12.39 0.76
N LYS D 21 6.57 -13.23 -0.25
CA LYS D 21 5.98 -14.59 -0.07
C LYS D 21 7.09 -15.61 0.25
N GLN D 22 8.32 -15.14 0.41
CA GLN D 22 9.52 -15.94 0.76
C GLN D 22 9.69 -17.07 -0.26
N GLU D 23 9.44 -16.78 -1.55
CA GLU D 23 9.72 -17.73 -2.66
C GLU D 23 11.23 -17.86 -2.82
N VAL D 24 11.96 -16.78 -2.53
CA VAL D 24 13.46 -16.74 -2.67
C VAL D 24 14.10 -16.38 -1.33
N ILE D 25 15.41 -16.54 -1.26
CA ILE D 25 16.26 -16.30 -0.06
C ILE D 25 16.07 -14.86 0.42
N ARG D 26 16.43 -14.60 1.68
CA ARG D 26 16.14 -13.32 2.38
C ARG D 26 17.03 -12.21 1.80
N GLY D 27 18.17 -12.56 1.21
CA GLY D 27 19.04 -11.58 0.51
C GLY D 27 18.34 -11.00 -0.72
N TRP D 28 17.59 -11.84 -1.42
CA TRP D 28 16.80 -11.43 -2.61
C TRP D 28 15.59 -10.60 -2.18
N GLU D 29 14.89 -10.99 -1.13
CA GLU D 29 13.67 -10.27 -0.69
C GLU D 29 14.07 -8.89 -0.18
N GLU D 30 15.07 -8.77 0.69
CA GLU D 30 15.48 -7.43 1.20
C GLU D 30 16.24 -6.68 0.10
N GLY D 31 17.05 -7.36 -0.70
CA GLY D 31 17.91 -6.70 -1.71
C GLY D 31 17.12 -6.07 -2.84
N VAL D 32 16.20 -6.84 -3.44
CA VAL D 32 15.43 -6.45 -4.66
C VAL D 32 14.42 -5.35 -4.28
N ALA D 33 13.97 -5.28 -3.03
CA ALA D 33 13.02 -4.25 -2.55
C ALA D 33 13.71 -2.87 -2.52
N GLN D 34 15.05 -2.83 -2.50
CA GLN D 34 15.86 -1.58 -2.40
C GLN D 34 16.23 -1.08 -3.80
N MET D 35 15.97 -1.91 -4.81
CA MET D 35 16.29 -1.60 -6.23
C MET D 35 15.08 -0.89 -6.87
N SER D 36 15.33 0.04 -7.80
CA SER D 36 14.28 0.72 -8.60
C SER D 36 14.13 0.03 -9.97
N VAL D 37 13.00 0.24 -10.66
CA VAL D 37 12.68 -0.42 -11.96
C VAL D 37 13.62 0.10 -13.05
N GLY D 38 14.28 -0.82 -13.76
CA GLY D 38 15.33 -0.55 -14.74
C GLY D 38 16.71 -0.64 -14.11
N GLN D 39 16.78 -0.79 -12.78
CA GLN D 39 18.06 -0.79 -12.05
C GLN D 39 18.69 -2.18 -12.16
N ARG D 40 19.98 -2.22 -12.50
CA ARG D 40 20.88 -3.40 -12.39
C ARG D 40 21.86 -3.13 -11.24
N ALA D 41 22.05 -4.11 -10.36
CA ALA D 41 22.88 -3.95 -9.14
C ALA D 41 23.55 -5.28 -8.77
N LYS D 42 24.62 -5.16 -7.97
CA LYS D 42 25.37 -6.27 -7.34
C LYS D 42 24.88 -6.44 -5.90
N LEU D 43 24.20 -7.55 -5.64
CA LEU D 43 23.84 -8.07 -4.30
C LEU D 43 24.94 -9.01 -3.79
N THR D 44 25.69 -8.55 -2.78
CA THR D 44 26.57 -9.38 -1.93
C THR D 44 25.75 -9.88 -0.75
N ILE D 45 25.48 -11.18 -0.66
CA ILE D 45 24.58 -11.76 0.37
C ILE D 45 25.39 -12.62 1.36
N SER D 46 25.44 -12.16 2.61
CA SER D 46 25.83 -12.94 3.82
C SER D 46 25.28 -14.36 3.68
N PRO D 47 25.93 -15.38 4.29
CA PRO D 47 25.35 -16.72 4.35
C PRO D 47 24.00 -16.67 5.06
N ASP D 48 23.94 -15.90 6.17
CA ASP D 48 22.73 -15.68 7.01
C ASP D 48 21.52 -15.45 6.10
N TYR D 49 21.62 -14.52 5.14
CA TYR D 49 20.51 -14.13 4.24
C TYR D 49 20.41 -15.08 3.04
N ALA D 50 21.34 -16.03 2.89
CA ALA D 50 21.40 -17.03 1.81
C ALA D 50 20.93 -18.40 2.35
N TYR D 51 21.78 -19.43 2.21
CA TYR D 51 21.53 -20.83 2.64
C TYR D 51 22.31 -21.16 3.92
N GLY D 52 23.03 -20.18 4.46
CA GLY D 52 23.64 -20.22 5.81
C GLY D 52 24.55 -21.43 5.98
N ALA D 53 24.47 -22.04 7.16
CA ALA D 53 25.33 -23.17 7.60
C ALA D 53 25.01 -24.41 6.76
N THR D 54 23.73 -24.71 6.52
CA THR D 54 23.31 -25.89 5.71
C THR D 54 23.85 -25.77 4.28
N GLY D 55 23.90 -24.55 3.73
CA GLY D 55 24.10 -24.34 2.29
C GLY D 55 22.95 -24.94 1.51
N HIS D 56 23.09 -25.08 0.19
CA HIS D 56 22.13 -25.77 -0.71
C HIS D 56 22.78 -27.09 -1.14
N PRO D 57 22.13 -28.25 -0.92
CA PRO D 57 22.84 -29.53 -0.98
C PRO D 57 23.18 -29.89 -2.43
N GLY D 58 24.42 -29.65 -2.86
CA GLY D 58 24.94 -30.05 -4.19
C GLY D 58 25.33 -28.88 -5.07
N ILE D 59 25.03 -27.65 -4.68
CA ILE D 59 25.39 -26.44 -5.49
C ILE D 59 26.16 -25.44 -4.61
N ILE D 60 25.53 -25.00 -3.52
CA ILE D 60 26.04 -23.93 -2.62
C ILE D 60 26.43 -24.58 -1.32
N PRO D 61 27.66 -24.34 -0.85
CA PRO D 61 28.15 -24.97 0.37
C PRO D 61 27.77 -24.24 1.66
N PRO D 62 28.23 -24.78 2.81
CA PRO D 62 28.11 -24.08 4.09
C PRO D 62 28.91 -22.77 4.17
N HIS D 63 28.28 -21.79 4.84
CA HIS D 63 28.85 -20.48 5.23
C HIS D 63 29.34 -19.72 3.99
N ALA D 64 28.72 -20.02 2.85
CA ALA D 64 29.08 -19.43 1.55
C ALA D 64 28.38 -18.09 1.43
N THR D 65 29.14 -17.00 1.32
CA THR D 65 28.63 -15.65 0.94
C THR D 65 28.42 -15.65 -0.58
N LEU D 66 27.27 -15.16 -1.06
CA LEU D 66 26.88 -15.22 -2.49
C LEU D 66 26.86 -13.80 -3.05
N VAL D 67 27.29 -13.65 -4.30
CA VAL D 67 27.20 -12.37 -5.07
C VAL D 67 26.26 -12.62 -6.25
N PHE D 68 25.13 -11.91 -6.31
CA PHE D 68 24.25 -11.93 -7.49
C PHE D 68 24.35 -10.60 -8.23
N ASP D 69 24.41 -10.69 -9.55
CA ASP D 69 24.21 -9.59 -10.53
C ASP D 69 22.73 -9.61 -10.96
N VAL D 70 21.94 -8.64 -10.51
CA VAL D 70 20.47 -8.63 -10.73
C VAL D 70 20.08 -7.34 -11.46
N GLU D 71 19.23 -7.47 -12.47
CA GLU D 71 18.59 -6.33 -13.18
C GLU D 71 17.09 -6.48 -13.02
N LEU D 72 16.46 -5.46 -12.40
CA LEU D 72 14.99 -5.36 -12.25
C LEU D 72 14.46 -4.79 -13.56
N LEU D 73 13.78 -5.63 -14.34
CA LEU D 73 13.32 -5.30 -15.72
C LEU D 73 11.95 -4.63 -15.68
N LYS D 74 11.05 -5.11 -14.81
CA LYS D 74 9.60 -4.78 -14.87
C LYS D 74 8.89 -5.28 -13.61
N LEU D 75 7.73 -4.70 -13.29
CA LEU D 75 6.84 -5.19 -12.20
C LEU D 75 5.53 -5.68 -12.82
N GLU D 76 4.81 -6.54 -12.09
CA GLU D 76 3.46 -7.03 -12.46
C GLU D 76 2.76 -7.63 -11.22
C1 RAP E . -14.64 20.65 4.46
O1 RAP E . -15.90 20.53 5.18
O2 RAP E . -14.36 19.83 3.59
C2 RAP E . -13.69 21.74 4.81
C3 RAP E . -12.28 21.14 4.98
C4 RAP E . -12.21 20.23 6.20
C5 RAP E . -12.55 21.09 7.39
C6 RAP E . -13.95 21.65 7.27
N7 RAP E . -14.07 22.45 6.05
C8 RAP E . -14.52 23.70 5.96
O3 RAP E . -14.60 24.31 4.91
C9 RAP E . -14.95 24.39 7.19
O4 RAP E . -14.11 24.99 7.83
C10 RAP E . -16.38 24.36 7.68
O5 RAP E . -16.66 23.06 8.22
O6 RAP E . -16.55 25.35 8.71
C11 RAP E . -17.39 24.69 6.60
C12 RAP E . -18.82 24.48 7.12
C13 RAP E . -19.02 23.13 7.80
C14 RAP E . -17.93 22.86 8.83
C15 RAP E . -17.93 21.40 9.29
C16 RAP E . -18.87 20.99 10.43
O7 RAP E . -18.65 21.78 11.60
C17 RAP E . -18.54 19.55 10.71
C18 RAP E . -19.33 18.55 10.27
C19 RAP E . -19.03 17.13 10.48
C20 RAP E . -19.84 16.23 9.94
C21 RAP E . -19.57 14.79 10.05
C22 RAP E . -20.37 13.96 9.36
C23 RAP E . -20.24 12.46 9.31
C24 RAP E . -20.26 11.95 7.87
C25 RAP E . -19.14 12.55 7.00
C26 RAP E . -19.45 12.45 5.52
O8 RAP E . -19.07 11.49 4.86
C27 RAP E . -20.22 13.55 4.83
O9 RAP E . -20.83 13.07 3.64
C28 RAP E . -19.27 14.67 4.40
O10 RAP E . -18.10 14.01 3.90
C29 RAP E . -19.01 15.66 5.51
C30 RAP E . -17.77 15.85 5.99
C31 RAP E . -17.44 16.81 7.10
C32 RAP E . -16.73 17.96 6.49
O11 RAP E . -15.51 18.09 6.57
C33 RAP E . -17.56 18.99 5.77
C34 RAP E . -16.78 19.57 4.61
C35 RAP E . -17.67 20.30 3.59
C36 RAP E . -18.64 19.37 2.87
C37 RAP E . -17.97 18.23 2.11
C38 RAP E . -19.04 17.39 1.44
C39 RAP E . -18.41 16.19 0.74
O12 RAP E . -19.37 15.40 0.02
C40 RAP E . -17.39 16.67 -0.29
O13 RAP E . -16.77 15.54 -0.92
C41 RAP E . -16.33 17.55 0.34
C42 RAP E . -16.99 18.73 1.05
C43 RAP E . -17.19 26.10 6.06
C44 RAP E . -17.30 19.23 11.48
C45 RAP E . -21.36 11.84 10.12
C46 RAP E . -17.80 11.91 7.33
C47 RAP E . -20.16 16.43 6.07
C48 RAP E . -16.59 16.10 8.17
C49 RAP E . -18.42 21.47 4.23
C50 RAP E . -19.57 21.53 12.67
C51 RAP E . -22.00 12.27 3.84
C52 RAP E . -20.52 14.97 0.73
C1 GOL F . 13.31 -18.04 21.41
O1 GOL F . 12.61 -17.10 22.23
C2 GOL F . 13.88 -19.20 22.20
O2 GOL F . 12.81 -19.87 22.89
C3 GOL F . 14.63 -20.20 21.36
O3 GOL F . 14.94 -21.39 22.08
C1 RAP G . 16.89 -18.69 -4.57
O1 RAP G . 16.31 -19.81 -5.28
O2 RAP G . 16.37 -18.27 -3.57
C2 RAP G . 18.11 -18.05 -5.12
C3 RAP G . 17.78 -16.59 -5.40
C4 RAP G . 16.68 -16.49 -6.44
C5 RAP G . 17.22 -17.08 -7.73
C6 RAP G . 17.56 -18.54 -7.49
N7 RAP G . 18.54 -18.64 -6.39
C8 RAP G . 19.74 -19.24 -6.47
O3 RAP G . 20.50 -19.36 -5.52
C9 RAP G . 20.15 -19.79 -7.78
O4 RAP G . 20.72 -19.07 -8.59
C10 RAP G . 19.85 -21.21 -8.19
O5 RAP G . 18.53 -21.21 -8.67
O6 RAP G . 20.78 -21.59 -9.19
C11 RAP G . 19.96 -22.24 -7.08
C12 RAP G . 19.47 -23.61 -7.56
C13 RAP G . 18.05 -23.55 -8.14
C14 RAP G . 17.96 -22.42 -9.17
C15 RAP G . 16.52 -22.07 -9.53
C16 RAP G . 15.75 -23.12 -10.31
O7 RAP G . 16.35 -23.37 -11.59
C17 RAP G . 14.35 -22.60 -10.49
C18 RAP G . 13.33 -23.17 -9.82
C19 RAP G . 11.95 -22.70 -9.92
C20 RAP G . 11.01 -23.31 -9.21
C21 RAP G . 9.60 -22.90 -9.21
C22 RAP G . 8.79 -23.55 -8.36
C23 RAP G . 7.32 -23.27 -8.16
C24 RAP G . 7.06 -23.15 -6.64
C25 RAP G . 7.92 -22.05 -5.99
C26 RAP G . 7.94 -22.20 -4.49
O8 RAP G . 7.17 -21.59 -3.77
C27 RAP G . 8.97 -23.12 -3.86
O9 RAP G . 8.52 -23.59 -2.58
C28 RAP G . 10.28 -22.36 -3.64
O10 RAP G . 9.97 -21.03 -3.21
C29 RAP G . 11.13 -22.35 -4.88
C30 RAP G . 11.45 -21.16 -5.46
C31 RAP G . 12.30 -20.99 -6.71
C32 RAP G . 13.64 -20.43 -6.30
O11 RAP G . 13.97 -19.28 -6.55
C33 RAP G . 14.57 -21.36 -5.56
C34 RAP G . 15.38 -20.58 -4.54
C35 RAP G . 16.09 -21.47 -3.52
C36 RAP G . 15.14 -22.21 -2.59
C37 RAP G . 14.19 -21.32 -1.79
C38 RAP G . 13.30 -22.23 -0.94
C39 RAP G . 12.30 -21.40 -0.18
O12 RAP G . 11.52 -22.22 0.69
C40 RAP G . 12.99 -20.38 0.71
O13 RAP G . 11.97 -19.57 1.28
C41 RAP G . 13.95 -19.52 -0.08
C42 RAP G . 14.94 -20.37 -0.87
C43 RAP G . 21.38 -22.34 -6.56
C44 RAP G . 14.13 -21.44 -11.42
C45 RAP G . 6.47 -24.39 -8.77
C46 RAP G . 7.44 -20.65 -6.39
C47 RAP G . 11.58 -23.67 -5.43
C48 RAP G . 11.56 -20.11 -7.72
C49 RAP G . 17.00 -22.49 -4.19
C50 RAP G . 15.80 -24.50 -12.28
C51 RAP G . 7.47 -24.55 -2.63
C52 RAP G . 10.55 -23.06 0.04
#